data_6ABI
#
_entry.id   6ABI
#
_cell.length_a   116.290
_cell.length_b   116.290
_cell.length_c   234.400
_cell.angle_alpha   90.00
_cell.angle_beta   90.00
_cell.angle_gamma   90.00
#
_symmetry.space_group_name_H-M   'P 43 21 2'
#
loop_
_entity.id
_entity.type
_entity.pdbx_description
1 polymer 'D-lactate dehydrogenase'
2 non-polymer 'SULFATE ION'
3 non-polymer GLYCEROL
4 water water
#
_entity_poly.entity_id   1
_entity_poly.type   'polypeptide(L)'
_entity_poly.pdbx_seq_one_letter_code
;MNHKVHHHHHHIEGRHMELGTLEMQKTKIIFFDIKDYDKEFFKKYGADYNFEMTFLKVRLTEETANLTKGYDVVCGFAND
NINKETIDIMAENGIKLLAMRCAGFNNVSLKDVNERFKVVRVPAYSPHAIAEYTVGLILAVNRKINKAYVRTREGNFSIN
GLMGIDLYEKTAGIIGTGKIGQILIKILRGFDMKVIAYDLFPNQKVADELGFEYVSLDELYANSDIISLNCPLTKDTKYM
INRRSMLKMKDGVILVNTGRGMLIDSADLVEALKDKKIGAVALDVYEEEENYFFEDKSTQVIEDDILGRLLSFYNVLITS
HQAYFTKEAVGAITVTTLNNIKDFVEGRPLVNEVPQNQ
;
_entity_poly.pdbx_strand_id   A,B
#
# COMPACT_ATOMS: atom_id res chain seq x y z
N GLN A 25 6.50 -11.86 -47.53
CA GLN A 25 7.89 -12.05 -47.16
C GLN A 25 8.12 -12.11 -45.64
N LYS A 26 8.00 -10.99 -44.96
CA LYS A 26 8.14 -10.96 -43.49
C LYS A 26 6.99 -11.66 -42.78
N THR A 27 7.22 -12.14 -41.58
CA THR A 27 6.14 -12.79 -40.84
C THR A 27 5.15 -11.75 -40.38
N LYS A 28 3.86 -12.01 -40.63
CA LYS A 28 2.79 -11.01 -40.35
C LYS A 28 2.07 -11.33 -39.11
N ILE A 29 2.11 -10.40 -38.16
CA ILE A 29 1.51 -10.61 -36.83
C ILE A 29 0.39 -9.57 -36.59
N ILE A 30 -0.78 -10.08 -36.18
CA ILE A 30 -1.90 -9.31 -35.75
C ILE A 30 -2.06 -9.46 -34.24
N PHE A 31 -2.07 -8.32 -33.57
CA PHE A 31 -2.19 -8.23 -32.10
C PHE A 31 -3.50 -7.72 -31.67
N PHE A 32 -4.08 -8.38 -30.66
CA PHE A 32 -5.38 -7.95 -30.15
C PHE A 32 -5.26 -7.35 -28.78
N ASP A 33 -6.18 -6.44 -28.42
CA ASP A 33 -6.28 -5.91 -27.06
C ASP A 33 -5.03 -5.07 -26.66
N ILE A 34 -4.51 -4.32 -27.61
CA ILE A 34 -3.28 -3.56 -27.43
C ILE A 34 -3.57 -2.23 -26.79
N LYS A 35 -2.78 -1.89 -25.80
CA LYS A 35 -2.77 -0.60 -25.12
C LYS A 35 -1.53 0.10 -25.63
N ASP A 36 -1.53 1.43 -25.46
CA ASP A 36 -0.45 2.26 -25.96
C ASP A 36 0.92 1.79 -25.57
N TYR A 37 1.02 1.43 -24.31
CA TYR A 37 2.26 0.90 -23.78
C TYR A 37 2.74 -0.43 -24.42
N ASP A 38 1.82 -1.34 -24.71
CA ASP A 38 2.10 -2.58 -25.44
C ASP A 38 2.64 -2.27 -26.82
N LYS A 39 1.96 -1.40 -27.54
CA LYS A 39 2.39 -0.99 -28.85
C LYS A 39 3.81 -0.45 -28.83
N GLU A 40 4.09 0.47 -27.94
CA GLU A 40 5.43 1.07 -27.86
C GLU A 40 6.45 0.00 -27.55
N PHE A 41 6.14 -0.91 -26.65
CA PHE A 41 7.12 -1.99 -26.37
C PHE A 41 7.34 -2.90 -27.59
N PHE A 42 6.30 -3.27 -28.30
CA PHE A 42 6.50 -4.16 -29.46
C PHE A 42 7.29 -3.46 -30.56
N LYS A 43 7.02 -2.19 -30.81
CA LYS A 43 7.79 -1.50 -31.84
C LYS A 43 9.23 -1.28 -31.43
N LYS A 44 9.43 -0.92 -30.18
CA LYS A 44 10.76 -0.73 -29.69
C LYS A 44 11.53 -2.04 -29.73
N TYR A 45 11.09 -3.08 -29.07
CA TYR A 45 11.88 -4.31 -29.02
C TYR A 45 11.77 -5.13 -30.29
N GLY A 46 10.78 -4.91 -31.09
CA GLY A 46 10.64 -5.72 -32.31
C GLY A 46 11.43 -5.18 -33.50
N ALA A 47 12.04 -4.02 -33.28
CA ALA A 47 12.85 -3.36 -34.28
C ALA A 47 13.92 -4.30 -34.78
N ASP A 48 14.34 -5.24 -33.93
CA ASP A 48 15.30 -6.18 -34.41
C ASP A 48 14.79 -7.46 -35.08
N TYR A 49 13.48 -7.57 -35.31
CA TYR A 49 12.96 -8.88 -35.63
C TYR A 49 12.47 -9.15 -37.03
N ASN A 50 12.22 -8.16 -37.83
CA ASN A 50 11.74 -8.52 -39.17
C ASN A 50 10.35 -9.10 -39.26
N PHE A 51 9.50 -8.64 -38.37
CA PHE A 51 8.12 -9.02 -38.37
C PHE A 51 7.39 -7.82 -38.97
N GLU A 52 6.23 -8.01 -39.51
CA GLU A 52 5.35 -6.89 -39.81
C GLU A 52 4.20 -7.00 -38.81
N MET A 53 4.02 -5.94 -38.00
CA MET A 53 3.12 -5.97 -36.84
C MET A 53 1.92 -4.99 -37.06
N THR A 54 0.70 -5.49 -36.85
CA THR A 54 -0.53 -4.67 -36.85
C THR A 54 -1.18 -4.80 -35.46
N PHE A 55 -1.50 -3.67 -34.84
CA PHE A 55 -1.97 -3.59 -33.50
C PHE A 55 -3.44 -3.18 -33.51
N LEU A 56 -4.32 -3.96 -32.92
CA LEU A 56 -5.73 -3.62 -32.80
C LEU A 56 -6.07 -3.42 -31.34
N LYS A 57 -7.00 -2.54 -31.14
CA LYS A 57 -7.56 -2.27 -29.85
C LYS A 57 -8.60 -3.28 -29.40
N VAL A 58 -9.28 -3.91 -30.32
CA VAL A 58 -10.35 -4.82 -29.95
C VAL A 58 -9.78 -6.17 -29.42
N ARG A 59 -10.63 -6.92 -28.74
CA ARG A 59 -10.26 -8.20 -28.20
C ARG A 59 -10.52 -9.15 -29.29
N LEU A 60 -9.89 -10.32 -29.13
CA LEU A 60 -10.12 -11.39 -30.05
C LEU A 60 -11.30 -12.19 -29.54
N THR A 61 -12.36 -12.25 -30.33
CA THR A 61 -13.59 -13.01 -30.03
C THR A 61 -14.12 -13.47 -31.35
N GLU A 62 -15.25 -14.18 -31.36
CA GLU A 62 -15.80 -14.55 -32.61
C GLU A 62 -16.28 -13.32 -33.41
N GLU A 63 -16.50 -12.22 -32.78
CA GLU A 63 -16.94 -11.00 -33.57
C GLU A 63 -15.74 -10.48 -34.38
N THR A 64 -14.50 -10.71 -33.91
CA THR A 64 -13.30 -10.08 -34.50
C THR A 64 -12.35 -11.04 -35.18
N ALA A 65 -12.66 -12.32 -35.11
CA ALA A 65 -11.74 -13.34 -35.57
C ALA A 65 -11.53 -13.26 -37.08
N ASN A 66 -12.48 -12.76 -37.85
CA ASN A 66 -12.19 -12.61 -39.25
C ASN A 66 -11.20 -11.51 -39.61
N LEU A 67 -10.81 -10.69 -38.66
CA LEU A 67 -9.72 -9.77 -38.90
C LEU A 67 -8.39 -10.48 -38.94
N THR A 68 -8.32 -11.77 -38.58
CA THR A 68 -7.04 -12.48 -38.74
C THR A 68 -6.67 -12.88 -40.22
N LYS A 69 -7.56 -12.63 -41.15
CA LYS A 69 -7.32 -12.89 -42.55
C LYS A 69 -6.05 -12.25 -43.05
N GLY A 70 -5.23 -13.06 -43.69
CA GLY A 70 -3.94 -12.63 -44.24
C GLY A 70 -2.77 -12.61 -43.27
N TYR A 71 -2.94 -13.05 -42.04
CA TYR A 71 -1.85 -12.95 -41.06
C TYR A 71 -1.30 -14.34 -40.86
N ASP A 72 -0.08 -14.43 -40.34
CA ASP A 72 0.55 -15.71 -40.08
C ASP A 72 0.44 -16.05 -38.58
N VAL A 73 0.41 -15.02 -37.75
CA VAL A 73 0.53 -15.15 -36.30
C VAL A 73 -0.46 -14.20 -35.61
N VAL A 74 -1.16 -14.73 -34.60
CA VAL A 74 -2.12 -13.92 -33.77
C VAL A 74 -1.60 -13.85 -32.38
N CYS A 75 -1.60 -12.64 -31.85
CA CYS A 75 -1.15 -12.39 -30.49
C CYS A 75 -2.32 -11.87 -29.70
N GLY A 76 -2.61 -12.63 -28.68
CA GLY A 76 -3.73 -12.51 -27.85
C GLY A 76 -3.40 -12.23 -26.41
N PHE A 77 -4.44 -12.18 -25.59
CA PHE A 77 -4.27 -11.76 -24.19
C PHE A 77 -5.45 -12.24 -23.34
N ALA A 78 -5.40 -11.94 -22.07
CA ALA A 78 -6.29 -12.49 -21.06
C ALA A 78 -7.79 -12.14 -21.17
N ASN A 79 -8.16 -11.06 -21.86
CA ASN A 79 -9.54 -10.72 -22.07
C ASN A 79 -10.09 -11.29 -23.30
N ASP A 80 -9.31 -11.99 -24.11
CA ASP A 80 -9.91 -12.61 -25.27
C ASP A 80 -10.84 -13.74 -24.95
N ASN A 81 -11.73 -14.01 -25.88
CA ASN A 81 -12.61 -15.18 -25.81
C ASN A 81 -12.43 -16.09 -26.97
N ILE A 82 -11.48 -17.02 -26.83
CA ILE A 82 -10.98 -17.75 -27.98
C ILE A 82 -11.61 -19.13 -27.96
N ASN A 83 -12.85 -19.14 -28.41
CA ASN A 83 -13.71 -20.30 -28.37
C ASN A 83 -13.67 -20.99 -29.65
N LYS A 84 -14.51 -22.01 -29.77
CA LYS A 84 -14.45 -22.85 -30.93
C LYS A 84 -14.61 -22.08 -32.19
N GLU A 85 -15.61 -21.20 -32.23
CA GLU A 85 -15.92 -20.52 -33.47
C GLU A 85 -14.68 -19.64 -33.83
N THR A 86 -14.13 -18.99 -32.82
CA THR A 86 -12.98 -18.13 -33.06
C THR A 86 -11.82 -18.96 -33.66
N ILE A 87 -11.55 -20.11 -33.03
CA ILE A 87 -10.51 -21.02 -33.46
C ILE A 87 -10.72 -21.46 -34.86
N ASP A 88 -11.97 -21.86 -35.18
CA ASP A 88 -12.26 -22.32 -36.53
C ASP A 88 -11.99 -21.26 -37.56
N ILE A 89 -12.33 -20.01 -37.24
CA ILE A 89 -12.14 -18.96 -38.21
C ILE A 89 -10.67 -18.69 -38.37
N MET A 90 -9.95 -18.72 -37.28
CA MET A 90 -8.51 -18.42 -37.44
C MET A 90 -7.82 -19.55 -38.23
N ALA A 91 -8.27 -20.79 -38.03
CA ALA A 91 -7.59 -21.93 -38.72
C ALA A 91 -7.91 -21.81 -40.19
N GLU A 92 -9.18 -21.55 -40.51
CA GLU A 92 -9.58 -21.33 -41.91
C GLU A 92 -8.86 -20.24 -42.54
N ASN A 93 -8.47 -19.25 -41.77
CA ASN A 93 -7.70 -18.17 -42.31
C ASN A 93 -6.23 -18.53 -42.39
N GLY A 94 -5.85 -19.73 -41.99
CA GLY A 94 -4.44 -20.12 -42.09
C GLY A 94 -3.48 -19.47 -41.07
N ILE A 95 -3.98 -19.15 -39.87
CA ILE A 95 -3.11 -18.75 -38.77
C ILE A 95 -2.21 -19.96 -38.34
N LYS A 96 -0.92 -19.77 -38.07
CA LYS A 96 -0.04 -20.89 -37.68
C LYS A 96 0.36 -20.92 -36.26
N LEU A 97 0.28 -19.77 -35.60
CA LEU A 97 0.64 -19.63 -34.21
C LEU A 97 -0.29 -18.63 -33.53
N LEU A 98 -0.70 -18.99 -32.33
CA LEU A 98 -1.38 -18.09 -31.42
C LEU A 98 -0.51 -17.91 -30.24
N ALA A 99 -0.08 -16.67 -30.05
CA ALA A 99 0.82 -16.31 -28.95
C ALA A 99 0.10 -15.51 -27.92
N MET A 100 -0.04 -16.08 -26.73
CA MET A 100 -0.69 -15.39 -25.63
C MET A 100 0.35 -14.56 -24.87
N ARG A 101 0.13 -13.26 -24.74
CA ARG A 101 1.13 -12.47 -24.00
C ARG A 101 0.80 -12.43 -22.49
N CYS A 102 0.65 -13.61 -21.91
CA CYS A 102 0.31 -13.77 -20.55
C CYS A 102 0.56 -15.24 -20.14
N ALA A 103 0.45 -15.54 -18.88
CA ALA A 103 0.77 -16.91 -18.37
C ALA A 103 -0.44 -17.82 -18.41
N GLY A 104 -1.63 -17.21 -18.41
CA GLY A 104 -2.91 -18.02 -18.42
C GLY A 104 -3.39 -18.28 -19.84
N PHE A 105 -4.25 -19.27 -20.00
CA PHE A 105 -4.84 -19.71 -21.25
C PHE A 105 -6.20 -20.41 -21.00
N ASN A 106 -6.79 -20.15 -19.86
CA ASN A 106 -8.13 -20.62 -19.62
C ASN A 106 -9.17 -20.12 -20.62
N ASN A 107 -8.89 -19.02 -21.30
CA ASN A 107 -9.79 -18.43 -22.29
C ASN A 107 -9.61 -18.98 -23.66
N VAL A 108 -8.80 -20.05 -23.79
CA VAL A 108 -8.61 -20.72 -25.09
C VAL A 108 -9.27 -22.06 -25.07
N SER A 109 -10.12 -22.36 -26.03
CA SER A 109 -10.69 -23.69 -26.16
C SER A 109 -9.70 -24.67 -26.78
N LEU A 110 -8.72 -25.05 -26.01
CA LEU A 110 -7.62 -25.91 -26.53
C LEU A 110 -8.03 -27.17 -27.27
N LYS A 111 -9.00 -27.84 -26.72
CA LYS A 111 -9.56 -29.00 -27.36
C LYS A 111 -10.06 -28.80 -28.79
N ASP A 112 -10.48 -27.60 -29.16
CA ASP A 112 -10.86 -27.35 -30.57
C ASP A 112 -9.77 -27.02 -31.57
N VAL A 113 -8.60 -26.62 -31.09
CA VAL A 113 -7.52 -26.31 -32.05
C VAL A 113 -7.13 -27.45 -32.97
N ASN A 114 -6.97 -28.67 -32.38
CA ASN A 114 -6.64 -29.85 -33.20
C ASN A 114 -5.41 -29.74 -34.08
N GLU A 115 -4.39 -29.03 -33.57
CA GLU A 115 -3.09 -28.82 -34.20
C GLU A 115 -3.14 -28.09 -35.45
N ARG A 116 -4.21 -27.35 -35.63
CA ARG A 116 -4.29 -26.50 -36.79
C ARG A 116 -3.30 -25.31 -36.66
N PHE A 117 -2.99 -24.94 -35.42
CA PHE A 117 -1.91 -23.98 -35.13
C PHE A 117 -1.36 -24.27 -33.78
N LYS A 118 -0.18 -23.73 -33.52
CA LYS A 118 0.43 -23.87 -32.20
C LYS A 118 -0.03 -22.75 -31.28
N VAL A 119 0.01 -23.02 -29.99
CA VAL A 119 -0.34 -22.02 -28.97
C VAL A 119 0.81 -21.87 -28.02
N VAL A 120 1.20 -20.65 -27.79
CA VAL A 120 2.29 -20.38 -26.82
C VAL A 120 1.85 -19.33 -25.84
N ARG A 121 2.52 -19.32 -24.70
CA ARG A 121 2.26 -18.37 -23.63
C ARG A 121 3.57 -17.73 -23.15
N VAL A 122 3.45 -16.87 -22.14
CA VAL A 122 4.54 -16.33 -21.41
C VAL A 122 4.43 -16.69 -19.92
N PRO A 123 5.32 -17.59 -19.44
CA PRO A 123 5.28 -17.96 -18.04
C PRO A 123 5.53 -16.76 -17.12
N ALA A 124 4.96 -16.83 -15.92
CA ALA A 124 5.09 -15.70 -14.97
C ALA A 124 6.48 -15.65 -14.37
N TYR A 125 7.04 -14.50 -14.23
CA TYR A 125 8.28 -14.44 -13.53
C TYR A 125 8.25 -13.17 -12.72
N SER A 126 8.80 -12.11 -13.27
CA SER A 126 8.83 -10.78 -12.65
C SER A 126 8.91 -10.77 -11.13
N PRO A 127 10.01 -11.25 -10.58
CA PRO A 127 9.98 -11.51 -9.16
C PRO A 127 9.99 -10.22 -8.28
N HIS A 128 10.70 -9.18 -8.70
CA HIS A 128 10.61 -7.94 -8.00
C HIS A 128 9.22 -7.39 -8.01
N ALA A 129 8.55 -7.32 -9.15
CA ALA A 129 7.17 -6.80 -9.12
C ALA A 129 6.33 -7.49 -8.08
N ILE A 130 6.54 -8.79 -7.91
CA ILE A 130 5.64 -9.63 -7.14
C ILE A 130 6.00 -9.52 -5.63
N ALA A 131 7.28 -9.55 -5.30
CA ALA A 131 7.73 -9.34 -3.93
C ALA A 131 7.32 -7.90 -3.42
N GLU A 132 7.57 -6.91 -4.27
CA GLU A 132 7.17 -5.54 -3.97
C GLU A 132 5.65 -5.46 -3.74
N TYR A 133 4.86 -6.09 -4.61
CA TYR A 133 3.42 -6.10 -4.46
C TYR A 133 2.99 -6.70 -3.10
N THR A 134 3.63 -7.80 -2.74
CA THR A 134 3.36 -8.49 -1.53
C THR A 134 3.51 -7.56 -0.32
N VAL A 135 4.61 -6.75 -0.27
CA VAL A 135 4.83 -5.86 0.80
C VAL A 135 3.75 -4.76 0.72
N GLY A 136 3.41 -4.30 -0.46
CA GLY A 136 2.34 -3.29 -0.59
C GLY A 136 1.02 -3.84 -0.05
N LEU A 137 0.77 -5.13 -0.26
CA LEU A 137 -0.47 -5.74 0.28
C LEU A 137 -0.45 -5.88 1.81
N ILE A 138 0.70 -6.25 2.37
CA ILE A 138 0.83 -6.40 3.78
C ILE A 138 0.57 -5.08 4.48
N LEU A 139 1.22 -4.05 4.00
CA LEU A 139 1.00 -2.73 4.52
C LEU A 139 -0.39 -2.19 4.30
N ALA A 140 -0.96 -2.44 3.14
CA ALA A 140 -2.33 -1.95 2.89
C ALA A 140 -3.32 -2.53 3.92
N VAL A 141 -3.17 -3.84 4.27
CA VAL A 141 -4.19 -4.44 5.15
C VAL A 141 -3.88 -4.15 6.64
N ASN A 142 -2.60 -4.00 6.89
CA ASN A 142 -2.07 -3.74 8.27
C ASN A 142 -2.53 -2.32 8.60
N ARG A 143 -2.19 -1.40 7.70
CA ARG A 143 -2.49 0.00 7.94
C ARG A 143 -3.80 0.53 7.43
N LYS A 144 -4.59 -0.33 6.82
CA LYS A 144 -5.93 0.05 6.37
C LYS A 144 -6.01 1.15 5.33
N ILE A 145 -5.03 1.18 4.45
CA ILE A 145 -4.88 2.21 3.47
C ILE A 145 -6.05 2.23 2.43
N ASN A 146 -6.48 1.04 2.05
CA ASN A 146 -7.67 0.94 1.19
C ASN A 146 -8.91 1.48 1.83
N LYS A 147 -9.10 1.18 3.10
CA LYS A 147 -10.29 1.67 3.82
C LYS A 147 -10.24 3.17 4.03
N ALA A 148 -9.02 3.70 4.33
CA ALA A 148 -8.86 5.11 4.46
C ALA A 148 -9.23 5.85 3.18
N TYR A 149 -8.77 5.31 2.06
CA TYR A 149 -9.10 5.83 0.73
C TYR A 149 -10.59 6.02 0.53
N VAL A 150 -11.34 4.97 0.74
CA VAL A 150 -12.80 5.02 0.56
C VAL A 150 -13.42 6.02 1.48
N ARG A 151 -12.93 6.09 2.73
CA ARG A 151 -13.38 7.19 3.58
C ARG A 151 -13.06 8.62 3.06
N THR A 152 -11.77 8.92 2.79
CA THR A 152 -11.49 10.28 2.41
C THR A 152 -12.08 10.70 1.07
N ARG A 153 -12.25 9.77 0.17
CA ARG A 153 -12.90 10.04 -1.06
C ARG A 153 -14.30 10.55 -0.80
N GLU A 154 -14.95 10.03 0.25
CA GLU A 154 -16.30 10.46 0.56
C GLU A 154 -16.31 11.68 1.49
N GLY A 155 -15.15 12.28 1.79
CA GLY A 155 -15.09 13.40 2.68
C GLY A 155 -15.04 13.03 4.20
N ASN A 156 -14.80 11.77 4.49
CA ASN A 156 -14.68 11.29 5.84
C ASN A 156 -13.22 11.18 6.25
N PHE A 157 -12.78 12.13 7.07
CA PHE A 157 -11.41 12.14 7.51
C PHE A 157 -11.26 11.57 8.92
N SER A 158 -12.26 10.83 9.41
CA SER A 158 -12.09 10.13 10.65
C SER A 158 -11.12 9.00 10.47
N ILE A 159 -10.29 8.76 11.47
CA ILE A 159 -9.39 7.57 11.47
C ILE A 159 -9.73 6.47 12.43
N ASN A 160 -10.82 6.63 13.13
CA ASN A 160 -11.28 5.62 14.05
C ASN A 160 -11.35 4.23 13.39
N GLY A 161 -10.70 3.24 13.98
CA GLY A 161 -10.70 1.89 13.52
C GLY A 161 -9.61 1.60 12.53
N LEU A 162 -8.75 2.60 12.20
CA LEU A 162 -7.76 2.35 11.19
C LEU A 162 -6.39 2.06 11.73
N MET A 163 -6.29 1.77 13.02
CA MET A 163 -4.97 1.58 13.64
C MET A 163 -4.34 0.29 13.14
N GLY A 164 -3.04 0.29 12.93
CA GLY A 164 -2.31 -0.89 12.61
C GLY A 164 -1.25 -1.28 13.61
N ILE A 165 -0.29 -2.04 13.16
CA ILE A 165 0.86 -2.39 13.99
C ILE A 165 2.14 -2.03 13.34
N ASP A 166 3.17 -1.79 14.14
CA ASP A 166 4.48 -1.60 13.60
C ASP A 166 5.01 -3.00 13.14
N LEU A 167 5.72 -3.05 12.01
CA LEU A 167 6.40 -4.20 11.62
C LEU A 167 7.73 -4.35 12.33
N TYR A 168 8.43 -3.23 12.59
CA TYR A 168 9.69 -3.27 13.29
C TYR A 168 9.70 -4.30 14.44
N GLU A 169 10.67 -5.21 14.43
CA GLU A 169 10.94 -6.20 15.47
C GLU A 169 9.84 -7.24 15.55
N LYS A 170 8.79 -7.16 14.74
CA LYS A 170 7.89 -8.34 14.64
C LYS A 170 8.54 -9.48 13.81
N THR A 171 7.90 -10.63 13.79
CA THR A 171 8.41 -11.76 13.10
C THR A 171 7.62 -12.04 11.84
N ALA A 172 8.31 -12.01 10.70
CA ALA A 172 7.73 -12.46 9.40
C ALA A 172 8.07 -13.93 9.15
N GLY A 173 7.03 -14.69 8.89
CA GLY A 173 7.17 -16.09 8.44
C GLY A 173 6.95 -16.26 6.93
N ILE A 174 7.99 -16.62 6.22
CA ILE A 174 7.98 -16.67 4.76
C ILE A 174 7.99 -18.13 4.37
N ILE A 175 6.90 -18.56 3.76
CA ILE A 175 6.81 -19.92 3.23
C ILE A 175 7.29 -19.98 1.75
N GLY A 176 8.48 -20.48 1.55
CA GLY A 176 9.09 -20.49 0.20
C GLY A 176 10.27 -19.55 0.11
N THR A 177 11.48 -20.08 -0.06
CA THR A 177 12.69 -19.21 -0.20
C THR A 177 13.32 -19.31 -1.62
N GLY A 178 12.46 -19.34 -2.61
CA GLY A 178 12.90 -19.09 -3.98
C GLY A 178 13.25 -17.65 -4.24
N LYS A 179 13.30 -17.32 -5.52
CA LYS A 179 13.75 -15.99 -5.89
C LYS A 179 12.76 -14.89 -5.35
N ILE A 180 11.44 -15.13 -5.45
CA ILE A 180 10.48 -14.19 -4.93
C ILE A 180 10.60 -14.06 -3.35
N GLY A 181 10.71 -15.20 -2.65
CA GLY A 181 10.81 -15.16 -1.23
C GLY A 181 12.06 -14.45 -0.78
N GLN A 182 13.13 -14.64 -1.51
CA GLN A 182 14.42 -13.99 -1.12
C GLN A 182 14.34 -12.47 -1.24
N ILE A 183 13.82 -11.96 -2.33
CA ILE A 183 13.58 -10.52 -2.49
C ILE A 183 12.70 -9.93 -1.38
N LEU A 184 11.61 -10.67 -1.05
CA LEU A 184 10.70 -10.34 0.02
C LEU A 184 11.37 -10.28 1.36
N ILE A 185 12.19 -11.32 1.65
CA ILE A 185 12.90 -11.39 2.87
C ILE A 185 13.89 -10.26 2.98
N LYS A 186 14.62 -9.98 1.92
CA LYS A 186 15.57 -8.87 2.03
C LYS A 186 14.85 -7.51 2.30
N ILE A 187 13.65 -7.32 1.75
CA ILE A 187 12.92 -6.09 2.03
C ILE A 187 12.49 -6.06 3.50
N LEU A 188 11.90 -7.14 3.97
CA LEU A 188 11.40 -7.15 5.33
C LEU A 188 12.54 -7.05 6.38
N ARG A 189 13.72 -7.52 6.00
CA ARG A 189 14.87 -7.35 6.88
C ARG A 189 15.21 -5.84 6.97
N GLY A 190 15.00 -5.11 5.86
CA GLY A 190 15.10 -3.66 5.82
C GLY A 190 14.20 -2.88 6.77
N PHE A 191 13.02 -3.44 7.09
CA PHE A 191 12.09 -2.99 8.13
C PHE A 191 12.57 -3.37 9.54
N ASP A 192 13.69 -4.13 9.65
CA ASP A 192 14.18 -4.75 10.91
C ASP A 192 13.08 -5.58 11.49
N MET A 193 12.42 -6.35 10.63
CA MET A 193 11.66 -7.51 11.09
C MET A 193 12.65 -8.64 11.39
N LYS A 194 12.27 -9.50 12.30
CA LYS A 194 12.91 -10.77 12.42
C LYS A 194 12.29 -11.71 11.41
N VAL A 195 13.09 -12.43 10.63
CA VAL A 195 12.51 -13.29 9.57
C VAL A 195 12.81 -14.78 9.82
N ILE A 196 11.77 -15.62 9.85
CA ILE A 196 11.92 -17.07 9.81
C ILE A 196 11.24 -17.57 8.56
N ALA A 197 11.68 -18.71 8.06
CA ALA A 197 11.26 -19.22 6.77
C ALA A 197 11.20 -20.70 6.72
N TYR A 198 10.30 -21.20 5.89
CA TYR A 198 10.22 -22.64 5.62
C TYR A 198 10.38 -22.89 4.12
N ASP A 199 11.20 -23.86 3.81
CA ASP A 199 11.34 -24.38 2.43
C ASP A 199 11.85 -25.82 2.48
N LEU A 200 11.39 -26.63 1.56
CA LEU A 200 11.87 -27.99 1.44
C LEU A 200 13.28 -28.08 0.91
N PHE A 201 13.80 -27.01 0.33
CA PHE A 201 15.17 -27.00 -0.16
C PHE A 201 15.91 -25.79 0.40
N PRO A 202 16.17 -25.79 1.69
CA PRO A 202 16.73 -24.63 2.27
C PRO A 202 18.11 -24.37 1.85
N ASN A 203 18.46 -23.12 1.74
CA ASN A 203 19.81 -22.71 1.43
C ASN A 203 20.43 -21.87 2.53
N GLN A 204 21.33 -22.49 3.29
CA GLN A 204 21.86 -21.94 4.50
C GLN A 204 22.76 -20.76 4.19
N LYS A 205 23.35 -20.73 3.01
CA LYS A 205 24.18 -19.61 2.68
C LYS A 205 23.32 -18.32 2.45
N VAL A 206 22.16 -18.50 1.85
CA VAL A 206 21.26 -17.37 1.60
C VAL A 206 20.70 -16.89 2.94
N ALA A 207 20.41 -17.85 3.81
CA ALA A 207 19.98 -17.53 5.20
C ALA A 207 21.04 -16.74 5.95
N ASP A 208 22.29 -17.11 5.80
CA ASP A 208 23.38 -16.32 6.37
C ASP A 208 23.48 -14.98 5.69
N GLU A 209 23.42 -14.88 4.38
CA GLU A 209 23.55 -13.61 3.71
C GLU A 209 22.41 -12.68 4.07
N LEU A 210 21.16 -13.15 4.05
CA LEU A 210 20.02 -12.21 4.25
C LEU A 210 19.69 -12.04 5.71
N GLY A 211 20.21 -12.96 6.57
CA GLY A 211 19.94 -12.86 8.03
C GLY A 211 18.58 -13.42 8.51
N PHE A 212 18.18 -14.57 8.00
CA PHE A 212 16.96 -15.21 8.47
C PHE A 212 17.29 -16.60 8.94
N GLU A 213 16.29 -17.26 9.52
CA GLU A 213 16.47 -18.55 10.09
C GLU A 213 15.44 -19.49 9.50
N TYR A 214 15.91 -20.69 9.09
CA TYR A 214 14.97 -21.73 8.64
C TYR A 214 14.33 -22.43 9.78
N VAL A 215 13.04 -22.76 9.69
CA VAL A 215 12.31 -23.36 10.78
C VAL A 215 11.33 -24.33 10.20
N SER A 216 10.74 -25.13 11.05
CA SER A 216 9.61 -25.99 10.62
C SER A 216 8.34 -25.16 10.43
N LEU A 217 7.36 -25.74 9.73
CA LEU A 217 6.06 -25.11 9.59
C LEU A 217 5.42 -24.83 10.91
N ASP A 218 5.49 -25.79 11.82
CA ASP A 218 4.93 -25.64 13.16
C ASP A 218 5.54 -24.42 13.88
N GLU A 219 6.87 -24.30 13.86
CA GLU A 219 7.56 -23.14 14.45
C GLU A 219 7.10 -21.84 13.73
N LEU A 220 6.97 -21.87 12.39
CA LEU A 220 6.62 -20.66 11.65
C LEU A 220 5.21 -20.21 12.06
N TYR A 221 4.20 -21.12 12.04
CA TYR A 221 2.93 -20.82 12.50
C TYR A 221 2.87 -20.24 13.90
N ALA A 222 3.59 -20.86 14.83
CA ALA A 222 3.54 -20.49 16.26
C ALA A 222 4.15 -19.13 16.47
N ASN A 223 5.13 -18.73 15.69
CA ASN A 223 5.91 -17.56 15.98
C ASN A 223 5.72 -16.30 15.12
N SER A 224 4.96 -16.39 14.06
CA SER A 224 4.93 -15.35 13.07
C SER A 224 3.78 -14.39 13.30
N ASP A 225 4.10 -13.13 13.21
CA ASP A 225 3.10 -12.04 13.22
C ASP A 225 2.55 -11.73 11.83
N ILE A 226 3.37 -11.92 10.83
CA ILE A 226 2.90 -11.94 9.49
C ILE A 226 3.42 -13.17 8.73
N ILE A 227 2.59 -13.69 7.86
CA ILE A 227 2.90 -14.90 7.09
C ILE A 227 2.62 -14.64 5.61
N SER A 228 3.62 -14.91 4.76
CA SER A 228 3.49 -14.81 3.29
C SER A 228 3.74 -16.18 2.64
N LEU A 229 2.91 -16.49 1.67
CA LEU A 229 2.97 -17.73 0.87
C LEU A 229 3.68 -17.43 -0.43
N ASN A 230 4.83 -18.02 -0.62
CA ASN A 230 5.61 -17.81 -1.79
C ASN A 230 6.23 -19.08 -2.35
N CYS A 231 5.45 -20.14 -2.33
CA CYS A 231 5.95 -21.49 -2.61
C CYS A 231 5.07 -22.06 -3.75
N PRO A 232 5.59 -23.03 -4.48
CA PRO A 232 4.80 -23.63 -5.52
C PRO A 232 3.68 -24.54 -4.99
N LEU A 233 2.72 -24.76 -5.84
CA LEU A 233 1.60 -25.62 -5.53
C LEU A 233 2.00 -27.05 -5.86
N THR A 234 2.11 -27.93 -4.88
CA THR A 234 2.28 -29.35 -5.11
C THR A 234 1.26 -30.05 -4.18
N LYS A 235 1.30 -31.37 -4.15
CA LYS A 235 0.29 -32.11 -3.35
C LYS A 235 0.45 -31.74 -1.89
N ASP A 236 1.66 -31.50 -1.48
CA ASP A 236 1.89 -31.23 -0.12
C ASP A 236 1.59 -29.83 0.29
N THR A 237 1.48 -28.88 -0.63
CA THR A 237 1.20 -27.47 -0.27
C THR A 237 -0.22 -27.15 -0.56
N LYS A 238 -0.91 -28.02 -1.27
CA LYS A 238 -2.30 -27.81 -1.52
C LYS A 238 -3.08 -27.66 -0.21
N TYR A 239 -3.84 -26.57 -0.06
CA TYR A 239 -4.52 -26.30 1.22
C TYR A 239 -3.64 -26.50 2.43
N MET A 240 -2.37 -26.17 2.34
CA MET A 240 -1.57 -26.21 3.54
C MET A 240 -2.06 -25.24 4.64
N ILE A 241 -2.66 -24.13 4.22
CA ILE A 241 -3.23 -23.21 5.13
C ILE A 241 -4.72 -23.66 5.21
N ASN A 242 -5.08 -24.23 6.35
CA ASN A 242 -6.39 -24.72 6.57
C ASN A 242 -6.69 -24.63 8.05
N ARG A 243 -7.81 -25.22 8.41
CA ARG A 243 -8.29 -25.09 9.76
C ARG A 243 -7.25 -25.46 10.78
N ARG A 244 -6.67 -26.62 10.56
CA ARG A 244 -5.66 -27.14 11.46
C ARG A 244 -4.46 -26.23 11.54
N SER A 245 -3.94 -25.77 10.43
CA SER A 245 -2.71 -24.94 10.53
C SER A 245 -3.00 -23.58 11.04
N MET A 246 -4.16 -22.99 10.69
CA MET A 246 -4.46 -21.64 11.20
C MET A 246 -4.71 -21.67 12.77
N LEU A 247 -5.26 -22.77 13.28
CA LEU A 247 -5.29 -22.95 14.75
C LEU A 247 -3.92 -22.82 15.42
N LYS A 248 -2.86 -23.04 14.69
CA LYS A 248 -1.55 -22.94 15.31
C LYS A 248 -0.96 -21.59 15.24
N MET A 249 -1.59 -20.72 14.44
CA MET A 249 -1.11 -19.39 14.25
C MET A 249 -1.44 -18.47 15.44
N LYS A 250 -0.80 -17.31 15.48
CA LYS A 250 -1.09 -16.34 16.52
C LYS A 250 -2.39 -15.60 16.13
N ASP A 251 -3.22 -15.31 17.13
CA ASP A 251 -4.39 -14.49 16.93
C ASP A 251 -3.98 -13.16 16.39
N GLY A 252 -4.64 -12.68 15.37
CA GLY A 252 -4.27 -11.37 14.83
C GLY A 252 -3.19 -11.47 13.74
N VAL A 253 -2.76 -12.68 13.41
CA VAL A 253 -1.82 -12.81 12.29
C VAL A 253 -2.32 -12.17 10.99
N ILE A 254 -1.39 -11.52 10.29
CA ILE A 254 -1.61 -10.99 8.92
C ILE A 254 -1.07 -12.02 7.89
N LEU A 255 -1.96 -12.52 7.03
CA LEU A 255 -1.68 -13.52 5.97
C LEU A 255 -1.74 -12.89 4.61
N VAL A 256 -0.72 -13.18 3.78
CA VAL A 256 -0.72 -12.67 2.40
C VAL A 256 -0.37 -13.78 1.44
N ASN A 257 -1.09 -13.85 0.33
CA ASN A 257 -0.84 -14.83 -0.70
C ASN A 257 -0.86 -14.21 -2.07
N THR A 258 0.33 -14.08 -2.63
CA THR A 258 0.51 -13.81 -4.00
C THR A 258 1.05 -15.06 -4.74
N GLY A 259 1.10 -16.23 -4.13
CA GLY A 259 1.64 -17.46 -4.78
C GLY A 259 0.61 -18.17 -5.62
N ARG A 260 -0.18 -19.07 -5.05
CA ARG A 260 -1.27 -19.74 -5.79
C ARG A 260 -2.51 -19.90 -4.85
N GLY A 261 -3.67 -19.79 -5.47
CA GLY A 261 -4.98 -19.84 -4.82
C GLY A 261 -5.17 -21.07 -3.98
N MET A 262 -4.74 -22.20 -4.49
CA MET A 262 -4.98 -23.49 -3.85
C MET A 262 -4.12 -23.79 -2.65
N LEU A 263 -3.17 -22.92 -2.33
CA LEU A 263 -2.42 -23.06 -1.09
C LEU A 263 -3.33 -22.81 0.15
N ILE A 264 -4.47 -22.13 -0.04
CA ILE A 264 -5.30 -21.83 1.09
C ILE A 264 -6.66 -22.54 0.93
N ASP A 265 -7.10 -23.19 1.97
CA ASP A 265 -8.48 -23.77 1.97
C ASP A 265 -9.38 -22.60 2.28
N SER A 266 -9.98 -22.05 1.26
CA SER A 266 -10.69 -20.78 1.41
C SER A 266 -11.82 -20.83 2.39
N ALA A 267 -12.60 -21.94 2.42
CA ALA A 267 -13.69 -22.09 3.35
C ALA A 267 -13.21 -22.04 4.77
N ASP A 268 -12.06 -22.66 5.05
CA ASP A 268 -11.50 -22.61 6.39
C ASP A 268 -11.07 -21.16 6.70
N LEU A 269 -10.61 -20.46 5.69
CA LEU A 269 -10.12 -19.05 5.89
C LEU A 269 -11.27 -18.16 6.33
N VAL A 270 -12.45 -18.44 5.80
CA VAL A 270 -13.64 -17.70 6.22
C VAL A 270 -13.92 -17.97 7.72
N GLU A 271 -13.83 -19.22 8.16
CA GLU A 271 -14.09 -19.54 9.59
C GLU A 271 -13.04 -18.91 10.51
N ALA A 272 -11.79 -18.90 10.10
CA ALA A 272 -10.71 -18.30 10.90
C ALA A 272 -10.81 -16.82 11.00
N LEU A 273 -11.28 -16.18 9.93
CA LEU A 273 -11.64 -14.76 10.00
C LEU A 273 -12.75 -14.47 11.03
N LYS A 274 -13.83 -15.24 10.94
CA LYS A 274 -14.89 -15.16 11.90
C LYS A 274 -14.50 -15.39 13.34
N ASP A 275 -13.63 -16.38 13.59
CA ASP A 275 -13.14 -16.65 14.90
C ASP A 275 -12.14 -15.63 15.34
N LYS A 276 -11.69 -14.78 14.46
CA LYS A 276 -10.69 -13.81 14.82
C LYS A 276 -9.29 -14.32 15.00
N LYS A 277 -8.99 -15.46 14.45
CA LYS A 277 -7.64 -15.96 14.44
C LYS A 277 -6.81 -15.14 13.45
N ILE A 278 -7.37 -14.92 12.26
CA ILE A 278 -6.70 -14.16 11.25
C ILE A 278 -7.05 -12.68 11.49
N GLY A 279 -6.01 -11.86 11.69
CA GLY A 279 -6.21 -10.46 11.85
C GLY A 279 -6.55 -9.71 10.59
N ALA A 280 -5.90 -10.12 9.48
CA ALA A 280 -6.21 -9.55 8.19
C ALA A 280 -5.59 -10.51 7.13
N VAL A 281 -6.14 -10.47 5.95
CA VAL A 281 -5.66 -11.22 4.84
C VAL A 281 -5.79 -10.51 3.51
N ALA A 282 -4.68 -10.59 2.76
CA ALA A 282 -4.57 -10.05 1.40
C ALA A 282 -4.28 -11.19 0.43
N LEU A 283 -5.16 -11.30 -0.56
CA LEU A 283 -5.13 -12.35 -1.57
C LEU A 283 -5.01 -11.73 -2.93
N ASP A 284 -3.89 -12.03 -3.63
CA ASP A 284 -3.79 -11.71 -5.06
C ASP A 284 -4.14 -12.91 -5.93
N VAL A 285 -4.38 -14.06 -5.30
CA VAL A 285 -4.72 -15.27 -6.01
C VAL A 285 -5.85 -15.92 -5.24
N TYR A 286 -6.59 -16.77 -5.88
CA TYR A 286 -7.80 -17.36 -5.27
C TYR A 286 -8.06 -18.73 -5.90
N GLU A 287 -8.40 -19.68 -5.08
CA GLU A 287 -8.48 -21.06 -5.57
C GLU A 287 -9.44 -21.28 -6.75
N GLU A 288 -10.45 -20.46 -6.93
CA GLU A 288 -11.17 -20.59 -8.15
C GLU A 288 -11.26 -19.31 -8.93
N GLU A 289 -10.10 -18.70 -9.11
CA GLU A 289 -9.99 -17.42 -9.75
C GLU A 289 -10.37 -17.48 -11.21
N GLU A 290 -10.20 -18.66 -11.82
CA GLU A 290 -10.49 -18.89 -13.26
C GLU A 290 -11.87 -18.40 -13.58
N ASN A 291 -12.82 -18.54 -12.69
CA ASN A 291 -14.16 -18.05 -13.00
C ASN A 291 -14.38 -16.53 -12.88
N TYR A 292 -13.40 -15.77 -12.38
CA TYR A 292 -13.66 -14.38 -11.91
C TYR A 292 -12.62 -13.39 -12.37
N PHE A 293 -11.38 -13.77 -12.21
CA PHE A 293 -10.26 -12.81 -12.42
C PHE A 293 -10.08 -12.22 -13.81
N PHE A 294 -9.55 -11.02 -13.89
CA PHE A 294 -9.48 -10.25 -15.15
C PHE A 294 -10.83 -9.85 -15.76
N GLU A 295 -11.94 -10.31 -15.20
CA GLU A 295 -13.26 -9.91 -15.69
C GLU A 295 -14.11 -9.03 -14.77
N ASP A 296 -14.84 -8.11 -15.35
CA ASP A 296 -15.71 -7.29 -14.61
C ASP A 296 -17.03 -8.02 -14.36
N LYS A 297 -17.24 -8.50 -13.15
CA LYS A 297 -18.48 -9.14 -12.80
C LYS A 297 -19.32 -8.23 -11.97
N SER A 298 -19.09 -6.93 -12.09
CA SER A 298 -19.77 -6.00 -11.23
C SER A 298 -21.23 -5.85 -11.55
N THR A 299 -21.75 -6.48 -12.62
CA THR A 299 -23.15 -6.40 -12.86
C THR A 299 -23.72 -7.78 -13.01
N GLN A 300 -23.16 -8.73 -12.34
CA GLN A 300 -23.73 -10.00 -12.28
C GLN A 300 -23.40 -10.68 -10.95
N VAL A 301 -24.18 -11.68 -10.67
CA VAL A 301 -24.06 -12.46 -9.46
C VAL A 301 -22.77 -13.22 -9.38
N ILE A 302 -22.18 -13.28 -8.21
CA ILE A 302 -21.00 -14.05 -7.97
C ILE A 302 -21.48 -15.33 -7.33
N GLU A 303 -21.30 -16.43 -8.03
CA GLU A 303 -22.01 -17.69 -7.67
C GLU A 303 -21.28 -18.38 -6.55
N ASP A 304 -19.98 -18.09 -6.45
CA ASP A 304 -19.09 -18.71 -5.46
C ASP A 304 -19.37 -18.08 -4.07
N ASP A 305 -19.94 -18.87 -3.18
CA ASP A 305 -20.34 -18.37 -1.88
C ASP A 305 -19.18 -17.90 -1.05
N ILE A 306 -18.09 -18.62 -1.18
CA ILE A 306 -16.97 -18.37 -0.36
C ILE A 306 -16.33 -17.03 -0.78
N LEU A 307 -16.16 -16.84 -2.08
CA LEU A 307 -15.66 -15.53 -2.61
C LEU A 307 -16.55 -14.40 -2.23
N GLY A 308 -17.86 -14.59 -2.31
CA GLY A 308 -18.85 -13.51 -2.04
C GLY A 308 -18.78 -13.12 -0.54
N ARG A 309 -18.64 -14.15 0.29
CA ARG A 309 -18.44 -13.95 1.70
C ARG A 309 -17.09 -13.24 2.02
N LEU A 310 -15.99 -13.68 1.40
CA LEU A 310 -14.66 -13.05 1.64
C LEU A 310 -14.72 -11.53 1.30
N LEU A 311 -15.42 -11.17 0.25
CA LEU A 311 -15.52 -9.81 -0.16
C LEU A 311 -16.28 -8.91 0.81
N SER A 312 -16.94 -9.44 1.82
CA SER A 312 -17.63 -8.59 2.71
C SER A 312 -16.86 -8.41 4.04
N PHE A 313 -15.71 -9.07 4.30
CA PHE A 313 -15.01 -8.88 5.50
C PHE A 313 -14.17 -7.61 5.43
N TYR A 314 -14.18 -6.83 6.50
CA TYR A 314 -13.48 -5.55 6.55
C TYR A 314 -11.96 -5.70 6.33
N ASN A 315 -11.44 -6.84 6.79
CA ASN A 315 -10.03 -7.14 6.79
C ASN A 315 -9.53 -8.13 5.73
N VAL A 316 -10.27 -8.24 4.66
CA VAL A 316 -9.92 -9.02 3.47
C VAL A 316 -9.74 -8.03 2.37
N LEU A 317 -8.59 -8.14 1.73
CA LEU A 317 -8.27 -7.45 0.49
C LEU A 317 -7.96 -8.42 -0.62
N ILE A 318 -8.73 -8.34 -1.67
CA ILE A 318 -8.53 -9.18 -2.84
C ILE A 318 -8.17 -8.39 -4.02
N THR A 319 -7.20 -8.88 -4.73
CA THR A 319 -6.87 -8.19 -5.99
C THR A 319 -6.71 -9.30 -7.02
N SER A 320 -6.82 -8.91 -8.28
CA SER A 320 -6.97 -9.88 -9.40
C SER A 320 -5.70 -10.25 -10.08
N HIS A 321 -4.85 -10.95 -9.37
CA HIS A 321 -3.63 -11.43 -9.93
C HIS A 321 -2.85 -10.36 -10.60
N GLN A 322 -2.66 -9.28 -9.86
CA GLN A 322 -1.95 -8.17 -10.37
C GLN A 322 -0.55 -7.94 -9.83
N ALA A 323 -0.02 -8.90 -9.07
CA ALA A 323 1.24 -8.69 -8.45
C ALA A 323 2.30 -8.48 -9.48
N TYR A 324 2.14 -9.08 -10.65
CA TYR A 324 3.10 -8.97 -11.72
C TYR A 324 3.09 -7.61 -12.43
N PHE A 325 2.00 -6.88 -12.35
CA PHE A 325 1.67 -5.85 -13.32
C PHE A 325 2.47 -4.54 -13.19
N THR A 326 3.73 -4.56 -13.59
CA THR A 326 4.54 -3.38 -13.73
C THR A 326 5.06 -3.21 -15.16
N LYS A 327 5.53 -2.04 -15.47
CA LYS A 327 5.99 -1.82 -16.79
C LYS A 327 7.20 -2.71 -17.11
N GLU A 328 8.03 -2.98 -16.14
CA GLU A 328 9.16 -3.89 -16.39
C GLU A 328 8.72 -5.29 -16.73
N ALA A 329 7.74 -5.83 -15.98
CA ALA A 329 7.16 -7.10 -16.29
C ALA A 329 6.55 -7.15 -17.68
N VAL A 330 5.79 -6.08 -18.07
CA VAL A 330 5.17 -6.02 -19.32
C VAL A 330 6.17 -5.97 -20.45
N GLY A 331 7.26 -5.21 -20.28
CA GLY A 331 8.29 -5.23 -21.22
C GLY A 331 8.96 -6.61 -21.39
N ALA A 332 9.20 -7.30 -20.32
CA ALA A 332 9.76 -8.67 -20.47
C ALA A 332 8.79 -9.64 -21.16
N ILE A 333 7.51 -9.51 -20.85
CA ILE A 333 6.50 -10.33 -21.54
C ILE A 333 6.52 -10.05 -23.02
N THR A 334 6.77 -8.81 -23.39
CA THR A 334 6.75 -8.42 -24.76
C THR A 334 7.92 -9.12 -25.47
N VAL A 335 9.07 -9.05 -24.88
CA VAL A 335 10.31 -9.72 -25.36
C VAL A 335 10.10 -11.24 -25.48
N THR A 336 9.56 -11.83 -24.48
CA THR A 336 9.33 -13.27 -24.53
C THR A 336 8.36 -13.61 -25.67
N THR A 337 7.38 -12.71 -25.93
CA THR A 337 6.41 -12.95 -27.00
C THR A 337 7.12 -12.91 -28.35
N LEU A 338 8.01 -11.96 -28.53
CA LEU A 338 8.73 -11.81 -29.79
C LEU A 338 9.67 -13.05 -29.99
N ASN A 339 10.33 -13.45 -28.92
CA ASN A 339 11.15 -14.67 -28.95
C ASN A 339 10.32 -15.91 -29.20
N ASN A 340 9.17 -16.02 -28.61
CA ASN A 340 8.24 -17.07 -28.93
C ASN A 340 7.98 -17.17 -30.44
N ILE A 341 7.59 -16.06 -31.06
CA ILE A 341 7.30 -16.01 -32.44
C ILE A 341 8.51 -16.31 -33.32
N LYS A 342 9.69 -15.74 -33.00
CA LYS A 342 10.90 -16.09 -33.71
C LYS A 342 11.25 -17.61 -33.62
N ASP A 343 11.16 -18.17 -32.46
CA ASP A 343 11.44 -19.60 -32.31
C ASP A 343 10.49 -20.46 -33.17
N PHE A 344 9.24 -20.03 -33.24
CA PHE A 344 8.31 -20.79 -34.02
C PHE A 344 8.68 -20.76 -35.54
N VAL A 345 8.90 -19.57 -36.05
CA VAL A 345 9.20 -19.32 -37.43
C VAL A 345 10.52 -20.01 -37.78
N GLU A 346 11.44 -20.09 -36.86
CA GLU A 346 12.74 -20.78 -37.11
C GLU A 346 12.70 -22.24 -36.80
N GLY A 347 11.53 -22.76 -36.42
CA GLY A 347 11.33 -24.15 -36.27
C GLY A 347 11.91 -24.80 -34.98
N ARG A 348 12.39 -24.01 -34.03
CA ARG A 348 12.88 -24.44 -32.75
C ARG A 348 11.80 -24.95 -31.83
N PRO A 349 12.20 -25.73 -30.87
CA PRO A 349 11.22 -26.16 -29.92
C PRO A 349 10.62 -24.97 -29.22
N LEU A 350 9.33 -25.10 -28.91
CA LEU A 350 8.60 -24.09 -28.25
C LEU A 350 8.54 -24.41 -26.76
N VAL A 351 9.45 -23.80 -26.04
CA VAL A 351 9.51 -24.00 -24.62
C VAL A 351 8.29 -23.45 -23.90
N ASN A 352 7.53 -22.52 -24.49
CA ASN A 352 6.37 -21.98 -23.84
C ASN A 352 5.08 -22.45 -24.49
N GLU A 353 5.15 -23.57 -25.17
CA GLU A 353 3.98 -24.10 -25.76
C GLU A 353 2.95 -24.48 -24.70
N VAL A 354 1.69 -24.26 -25.04
CA VAL A 354 0.54 -24.77 -24.32
C VAL A 354 0.03 -26.03 -25.03
N PRO A 355 0.09 -27.19 -24.34
CA PRO A 355 -0.19 -28.44 -25.02
C PRO A 355 -1.68 -28.58 -25.17
N GLN A 356 -2.12 -29.17 -26.24
CA GLN A 356 -3.54 -29.20 -26.59
C GLN A 356 -4.30 -30.42 -26.12
N ASN A 357 -3.57 -31.36 -25.50
CA ASN A 357 -3.96 -32.75 -25.26
C ASN A 357 -4.24 -33.37 -26.59
N GLN B 25 -10.81 13.78 45.91
CA GLN B 25 -9.66 13.00 46.35
C GLN B 25 -8.91 12.31 45.21
N LYS B 26 -9.66 11.73 44.30
CA LYS B 26 -9.11 11.21 43.02
C LYS B 26 -8.81 12.34 42.01
N THR B 27 -7.73 12.28 41.23
CA THR B 27 -7.60 13.24 40.13
C THR B 27 -8.54 12.88 39.01
N LYS B 28 -9.32 13.83 38.54
CA LYS B 28 -10.34 13.57 37.53
C LYS B 28 -9.92 14.05 36.16
N ILE B 29 -9.90 13.14 35.22
CA ILE B 29 -9.45 13.39 33.83
C ILE B 29 -10.60 13.09 32.88
N ILE B 30 -10.91 14.08 32.04
CA ILE B 30 -11.84 13.89 30.94
C ILE B 30 -11.09 13.91 29.58
N PHE B 31 -11.28 12.87 28.81
CA PHE B 31 -10.68 12.67 27.49
C PHE B 31 -11.67 12.94 26.40
N PHE B 32 -11.27 13.69 25.39
CA PHE B 32 -12.03 13.93 24.17
C PHE B 32 -11.38 13.14 23.01
N ASP B 33 -12.11 12.92 21.88
CA ASP B 33 -11.56 12.36 20.64
C ASP B 33 -10.93 10.96 20.87
N ILE B 34 -11.47 10.18 21.80
CA ILE B 34 -10.96 8.81 22.09
C ILE B 34 -11.18 7.93 20.86
N LYS B 35 -10.15 7.19 20.53
CA LYS B 35 -10.14 6.25 19.43
C LYS B 35 -9.38 4.99 19.83
N ASP B 36 -8.95 4.20 18.86
CA ASP B 36 -8.45 2.84 19.00
C ASP B 36 -7.49 2.65 20.14
N TYR B 37 -7.86 1.81 21.09
CA TYR B 37 -6.93 1.46 22.20
C TYR B 37 -6.65 2.60 23.24
N ASP B 38 -7.15 3.83 23.01
CA ASP B 38 -6.99 4.93 23.96
C ASP B 38 -7.51 4.49 25.31
N LYS B 39 -8.75 3.96 25.33
CA LYS B 39 -9.28 3.68 26.64
C LYS B 39 -8.49 2.57 27.35
N GLU B 40 -8.19 1.51 26.66
CA GLU B 40 -7.50 0.41 27.29
C GLU B 40 -6.09 0.79 27.72
N PHE B 41 -5.38 1.56 26.90
CA PHE B 41 -4.02 1.93 27.30
C PHE B 41 -4.02 2.93 28.48
N PHE B 42 -4.94 3.90 28.48
CA PHE B 42 -4.95 4.89 29.54
C PHE B 42 -5.31 4.18 30.84
N LYS B 43 -6.23 3.26 30.80
CA LYS B 43 -6.57 2.51 31.97
C LYS B 43 -5.39 1.65 32.45
N LYS B 44 -4.76 0.94 31.56
CA LYS B 44 -3.68 0.04 31.91
C LYS B 44 -2.48 0.80 32.44
N TYR B 45 -2.04 1.79 31.72
CA TYR B 45 -0.83 2.52 32.18
C TYR B 45 -1.14 3.55 33.25
N GLY B 46 -2.40 3.81 33.51
CA GLY B 46 -2.72 4.83 34.48
C GLY B 46 -3.08 4.25 35.85
N ALA B 47 -3.00 2.95 35.99
CA ALA B 47 -3.42 2.27 37.20
C ALA B 47 -2.50 2.61 38.35
N ASP B 48 -2.84 2.23 39.56
CA ASP B 48 -2.04 2.70 40.69
C ASP B 48 -1.80 4.21 40.79
N TYR B 49 -2.61 5.06 40.15
CA TYR B 49 -2.37 6.46 40.40
C TYR B 49 -3.51 7.25 40.94
N ASN B 50 -4.63 6.60 41.17
CA ASN B 50 -5.70 7.33 41.76
C ASN B 50 -6.39 8.27 40.81
N PHE B 51 -6.37 7.92 39.54
CA PHE B 51 -7.04 8.73 38.54
C PHE B 51 -8.44 8.27 38.36
N GLU B 52 -9.33 9.18 38.07
CA GLU B 52 -10.66 8.77 37.66
C GLU B 52 -10.83 9.31 36.25
N MET B 53 -11.15 8.44 35.32
CA MET B 53 -11.09 8.75 33.89
C MET B 53 -12.40 8.65 33.21
N THR B 54 -12.78 9.71 32.49
CA THR B 54 -14.04 9.66 31.66
C THR B 54 -13.61 9.78 30.18
N PHE B 55 -14.10 8.87 29.34
CA PHE B 55 -13.64 8.68 27.95
C PHE B 55 -14.71 9.02 26.94
N LEU B 56 -14.60 10.17 26.25
CA LEU B 56 -15.61 10.51 25.22
C LEU B 56 -14.99 10.44 23.79
N LYS B 57 -15.80 10.09 22.82
CA LYS B 57 -15.34 10.12 21.45
C LYS B 57 -15.53 11.47 20.82
N VAL B 58 -16.42 12.30 21.36
CA VAL B 58 -16.75 13.56 20.73
C VAL B 58 -15.50 14.49 20.80
N ARG B 59 -15.52 15.52 20.00
CA ARG B 59 -14.46 16.46 20.07
C ARG B 59 -14.76 17.61 21.02
N LEU B 60 -13.73 18.29 21.43
CA LEU B 60 -13.82 19.41 22.30
C LEU B 60 -13.95 20.67 21.46
N THR B 61 -15.03 21.38 21.66
CA THR B 61 -15.33 22.68 21.03
C THR B 61 -16.12 23.48 22.05
N GLU B 62 -16.57 24.67 21.69
CA GLU B 62 -17.39 25.42 22.61
C GLU B 62 -18.67 24.70 22.91
N GLU B 63 -19.18 23.89 22.02
CA GLU B 63 -20.43 23.15 22.31
C GLU B 63 -20.24 21.96 23.26
N THR B 64 -19.02 21.50 23.49
CA THR B 64 -18.83 20.43 24.45
C THR B 64 -18.01 20.85 25.68
N ALA B 65 -17.58 22.10 25.71
CA ALA B 65 -16.61 22.53 26.73
C ALA B 65 -17.24 22.50 28.12
N ASN B 66 -18.53 22.61 28.18
CA ASN B 66 -19.20 22.50 29.46
C ASN B 66 -19.10 21.19 30.13
N LEU B 67 -18.79 20.16 29.39
CA LEU B 67 -18.67 18.84 29.97
C LEU B 67 -17.45 18.78 30.83
N THR B 68 -16.51 19.74 30.71
CA THR B 68 -15.36 19.73 31.56
C THR B 68 -15.61 20.09 33.05
N LYS B 69 -16.83 20.46 33.38
CA LYS B 69 -17.21 20.83 34.73
C LYS B 69 -16.90 19.72 35.71
N GLY B 70 -16.15 20.07 36.73
CA GLY B 70 -15.72 19.17 37.78
C GLY B 70 -14.46 18.36 37.50
N TYR B 71 -13.75 18.62 36.40
CA TYR B 71 -12.62 17.85 36.11
C TYR B 71 -11.39 18.64 36.44
N ASP B 72 -10.32 17.92 36.74
CA ASP B 72 -9.03 18.51 37.00
C ASP B 72 -8.19 18.68 35.71
N VAL B 73 -8.33 17.73 34.78
CA VAL B 73 -7.48 17.59 33.62
C VAL B 73 -8.35 17.30 32.44
N VAL B 74 -8.08 18.00 31.35
CA VAL B 74 -8.77 17.73 30.07
C VAL B 74 -7.70 17.27 29.09
N CYS B 75 -8.03 16.23 28.40
CA CYS B 75 -7.12 15.60 27.42
C CYS B 75 -7.76 15.45 26.08
N GLY B 76 -7.25 16.24 25.18
CA GLY B 76 -7.83 16.52 23.89
C GLY B 76 -6.92 15.99 22.77
N PHE B 77 -7.26 16.39 21.56
CA PHE B 77 -6.60 15.89 20.31
C PHE B 77 -6.56 16.97 19.26
N ALA B 78 -5.77 16.75 18.23
CA ALA B 78 -5.43 17.81 17.25
C ALA B 78 -6.65 18.45 16.56
N ASN B 79 -7.77 17.78 16.41
CA ASN B 79 -8.82 18.50 15.70
C ASN B 79 -9.74 19.30 16.62
N ASP B 80 -9.52 19.30 17.94
CA ASP B 80 -10.42 20.10 18.77
C ASP B 80 -10.43 21.57 18.36
N ASN B 81 -11.50 22.23 18.63
CA ASN B 81 -11.45 23.67 18.40
C ASN B 81 -11.43 24.39 19.73
N ILE B 82 -10.23 24.71 20.17
CA ILE B 82 -9.99 25.25 21.48
C ILE B 82 -9.78 26.78 21.35
N ASN B 83 -10.91 27.43 21.05
CA ASN B 83 -10.96 28.84 20.85
C ASN B 83 -11.17 29.55 22.18
N LYS B 84 -11.27 30.89 22.10
CA LYS B 84 -11.38 31.69 23.29
C LYS B 84 -12.59 31.24 24.12
N GLU B 85 -13.73 31.05 23.49
CA GLU B 85 -14.90 30.71 24.27
C GLU B 85 -14.68 29.36 25.02
N THR B 86 -14.09 28.40 24.33
CA THR B 86 -13.80 27.08 24.90
C THR B 86 -12.84 27.23 26.06
N ILE B 87 -11.76 28.02 25.87
CA ILE B 87 -10.86 28.32 26.90
C ILE B 87 -11.52 28.95 28.09
N ASP B 88 -12.38 29.99 27.87
CA ASP B 88 -13.00 30.69 28.94
C ASP B 88 -13.87 29.74 29.74
N ILE B 89 -14.57 28.84 29.07
CA ILE B 89 -15.44 27.90 29.79
C ILE B 89 -14.61 26.95 30.63
N MET B 90 -13.48 26.49 30.09
CA MET B 90 -12.73 25.50 30.91
C MET B 90 -12.11 26.23 32.11
N ALA B 91 -11.75 27.51 31.93
CA ALA B 91 -11.03 28.25 33.00
C ALA B 91 -12.05 28.53 34.09
N GLU B 92 -13.24 28.89 33.67
CA GLU B 92 -14.38 29.08 34.54
C GLU B 92 -14.69 27.84 35.31
N ASN B 93 -14.53 26.69 34.70
CA ASN B 93 -14.77 25.43 35.38
C ASN B 93 -13.57 25.09 36.23
N GLY B 94 -12.49 25.87 36.19
CA GLY B 94 -11.36 25.54 37.03
C GLY B 94 -10.50 24.34 36.62
N ILE B 95 -10.45 23.98 35.34
CA ILE B 95 -9.50 22.92 34.96
C ILE B 95 -8.06 23.36 35.23
N LYS B 96 -7.17 22.45 35.54
CA LYS B 96 -5.82 22.81 35.84
C LYS B 96 -4.85 22.53 34.71
N LEU B 97 -5.19 21.59 33.84
CA LEU B 97 -4.24 21.13 32.82
C LEU B 97 -5.01 20.73 31.62
N LEU B 98 -4.58 21.25 30.48
CA LEU B 98 -5.09 20.81 29.18
C LEU B 98 -3.99 20.12 28.44
N ALA B 99 -4.13 18.82 28.24
CA ALA B 99 -3.08 17.96 27.59
C ALA B 99 -3.53 17.51 26.23
N MET B 100 -2.83 17.98 25.21
CA MET B 100 -3.20 17.72 23.82
C MET B 100 -2.40 16.58 23.22
N ARG B 101 -3.10 15.49 22.83
CA ARG B 101 -2.46 14.28 22.31
C ARG B 101 -2.24 14.62 20.78
N CYS B 102 -1.10 14.27 20.27
CA CYS B 102 -0.87 14.41 18.84
C CYS B 102 -1.23 15.76 18.31
N ALA B 103 -0.96 16.82 19.02
CA ALA B 103 -1.29 18.12 18.37
C ALA B 103 0.01 18.92 17.98
N GLY B 104 -0.19 20.00 17.18
CA GLY B 104 0.83 21.02 16.85
C GLY B 104 0.61 22.42 17.47
N ASN B 107 -3.20 24.97 17.48
CA ASN B 107 -4.64 24.78 17.52
C ASN B 107 -5.35 25.15 18.86
N VAL B 108 -4.54 25.54 19.82
CA VAL B 108 -5.03 26.14 21.01
C VAL B 108 -4.75 27.58 20.79
N SER B 109 -5.68 28.42 21.20
CA SER B 109 -5.45 29.82 21.21
C SER B 109 -4.67 30.21 22.44
N LEU B 110 -3.42 29.82 22.45
CA LEU B 110 -2.56 30.01 23.66
C LEU B 110 -2.53 31.30 24.45
N LYS B 111 -2.77 32.42 23.78
CA LYS B 111 -2.77 33.76 24.42
C LYS B 111 -4.04 34.02 25.17
N ASP B 112 -5.15 33.36 24.79
CA ASP B 112 -6.36 33.53 25.62
C ASP B 112 -6.28 32.75 26.90
N VAL B 113 -5.42 31.72 26.97
CA VAL B 113 -5.34 31.01 28.22
C VAL B 113 -4.97 31.90 29.39
N ASN B 114 -3.92 32.74 29.19
CA ASN B 114 -3.57 33.74 30.15
C ASN B 114 -3.24 33.13 31.48
N GLU B 115 -2.52 32.00 31.47
CA GLU B 115 -2.06 31.29 32.70
C GLU B 115 -3.17 30.81 33.59
N ARG B 116 -4.39 30.67 33.05
CA ARG B 116 -5.44 30.15 33.89
C ARG B 116 -5.34 28.67 34.12
N PHE B 117 -4.64 27.98 33.22
CA PHE B 117 -4.33 26.56 33.38
C PHE B 117 -3.14 26.28 32.55
N LYS B 118 -2.50 25.15 32.79
CA LYS B 118 -1.35 24.77 31.99
C LYS B 118 -1.79 24.04 30.74
N VAL B 119 -0.97 24.16 29.71
CA VAL B 119 -1.14 23.45 28.46
C VAL B 119 0.00 22.53 28.14
N VAL B 120 -0.34 21.33 27.76
CA VAL B 120 0.65 20.34 27.32
C VAL B 120 0.34 19.94 25.87
N ARG B 121 1.38 19.71 25.09
CA ARG B 121 1.27 19.22 23.73
C ARG B 121 2.17 17.98 23.53
N VAL B 122 1.57 16.84 23.22
CA VAL B 122 2.36 15.58 23.05
C VAL B 122 2.38 15.27 21.54
N PRO B 123 3.57 15.39 20.93
CA PRO B 123 3.63 15.17 19.48
C PRO B 123 3.37 13.71 19.11
N ALA B 124 2.87 13.47 17.92
CA ALA B 124 2.66 12.07 17.47
C ALA B 124 3.86 11.54 16.74
N TYR B 125 5.02 11.82 17.26
CA TYR B 125 6.29 11.42 16.70
C TYR B 125 6.51 9.97 16.99
N SER B 126 6.41 9.16 15.95
CA SER B 126 6.58 7.72 16.06
C SER B 126 7.30 7.19 14.84
N PRO B 127 8.62 7.13 14.92
CA PRO B 127 9.32 7.01 13.63
C PRO B 127 9.11 5.72 12.77
N HIS B 128 9.13 4.58 13.40
CA HIS B 128 8.84 3.38 12.69
C HIS B 128 7.47 3.37 12.08
N ALA B 129 6.44 3.71 12.84
CA ALA B 129 5.09 3.76 12.30
C ALA B 129 4.99 4.61 11.04
N ILE B 130 5.73 5.71 11.02
CA ILE B 130 5.52 6.76 10.02
C ILE B 130 6.31 6.37 8.75
N ALA B 131 7.56 5.93 8.91
CA ALA B 131 8.35 5.44 7.81
C ALA B 131 7.63 4.22 7.11
N GLU B 132 7.16 3.29 7.93
CA GLU B 132 6.46 2.13 7.42
C GLU B 132 5.21 2.56 6.64
N TYR B 133 4.37 3.41 7.24
CA TYR B 133 3.25 3.98 6.48
C TYR B 133 3.63 4.64 5.16
N THR B 134 4.73 5.40 5.12
CA THR B 134 5.16 6.03 3.94
C THR B 134 5.43 5.05 2.82
N VAL B 135 6.05 3.89 3.14
CA VAL B 135 6.31 2.86 2.16
C VAL B 135 4.99 2.27 1.73
N GLY B 136 4.05 2.09 2.65
CA GLY B 136 2.72 1.57 2.28
C GLY B 136 1.99 2.58 1.32
N LEU B 137 2.26 3.88 1.48
CA LEU B 137 1.60 4.87 0.61
C LEU B 137 2.24 4.87 -0.77
N ILE B 138 3.57 4.76 -0.82
CA ILE B 138 4.28 4.73 -2.07
C ILE B 138 3.74 3.53 -2.88
N LEU B 139 3.75 2.38 -2.28
CA LEU B 139 3.29 1.20 -2.98
C LEU B 139 1.81 1.25 -3.32
N ALA B 140 1.00 1.79 -2.43
CA ALA B 140 -0.45 1.84 -2.74
C ALA B 140 -0.68 2.67 -4.02
N VAL B 141 0.08 3.78 -4.19
CA VAL B 141 -0.29 4.70 -5.33
C VAL B 141 0.44 4.23 -6.59
N ASN B 142 1.58 3.59 -6.39
CA ASN B 142 2.40 3.02 -7.48
C ASN B 142 1.58 1.85 -8.08
N ARG B 143 1.21 0.92 -7.22
CA ARG B 143 0.53 -0.28 -7.67
C ARG B 143 -0.99 -0.25 -7.71
N LYS B 144 -1.53 0.92 -7.45
CA LYS B 144 -2.98 1.18 -7.41
C LYS B 144 -3.82 0.21 -6.61
N ILE B 145 -3.34 -0.09 -5.44
CA ILE B 145 -4.00 -1.03 -4.53
C ILE B 145 -5.35 -0.54 -4.01
N ASN B 146 -5.39 0.74 -3.71
CA ASN B 146 -6.67 1.34 -3.32
C ASN B 146 -7.71 1.29 -4.41
N LYS B 147 -7.30 1.54 -5.64
CA LYS B 147 -8.18 1.47 -6.78
C LYS B 147 -8.65 0.07 -7.04
N ALA B 148 -7.74 -0.88 -6.95
CA ALA B 148 -8.13 -2.27 -7.10
C ALA B 148 -9.17 -2.67 -6.09
N TYR B 149 -8.99 -2.27 -4.82
CA TYR B 149 -9.93 -2.60 -3.74
C TYR B 149 -11.33 -2.17 -4.11
N VAL B 150 -11.45 -0.92 -4.59
CA VAL B 150 -12.82 -0.47 -4.90
C VAL B 150 -13.45 -1.24 -6.05
N ARG B 151 -12.61 -1.59 -7.05
CA ARG B 151 -13.13 -2.50 -8.06
C ARG B 151 -13.54 -3.87 -7.54
N THR B 152 -12.62 -4.62 -6.83
CA THR B 152 -12.99 -5.98 -6.45
C THR B 152 -14.12 -6.06 -5.44
N ARG B 153 -14.21 -5.09 -4.54
CA ARG B 153 -15.35 -5.04 -3.65
C ARG B 153 -16.65 -5.00 -4.47
N GLU B 154 -16.64 -4.33 -5.64
CA GLU B 154 -17.88 -4.23 -6.43
C GLU B 154 -18.01 -5.42 -7.40
N GLY B 155 -17.06 -6.36 -7.39
CA GLY B 155 -17.14 -7.51 -8.24
C GLY B 155 -16.46 -7.33 -9.58
N ASN B 156 -15.70 -6.26 -9.70
CA ASN B 156 -14.93 -5.97 -10.86
C ASN B 156 -13.48 -6.42 -10.72
N PHE B 157 -13.13 -7.50 -11.41
CA PHE B 157 -11.79 -8.05 -11.32
C PHE B 157 -10.94 -7.69 -12.50
N SER B 158 -11.31 -6.64 -13.22
CA SER B 158 -10.46 -6.15 -14.30
C SER B 158 -9.30 -5.37 -13.71
N ILE B 159 -8.11 -5.55 -14.28
CA ILE B 159 -6.93 -4.83 -13.89
C ILE B 159 -6.45 -3.79 -14.88
N ASN B 160 -7.25 -3.49 -15.84
CA ASN B 160 -6.92 -2.46 -16.78
C ASN B 160 -6.60 -1.11 -16.18
N GLY B 161 -5.51 -0.48 -16.60
CA GLY B 161 -5.09 0.74 -16.08
C GLY B 161 -4.34 0.64 -14.78
N LEU B 162 -4.12 -0.57 -14.23
CA LEU B 162 -3.51 -0.65 -12.92
C LEU B 162 -2.02 -0.95 -12.91
N MET B 163 -1.34 -0.78 -14.03
CA MET B 163 0.03 -1.11 -14.12
C MET B 163 0.85 -0.10 -13.33
N GLY B 164 1.85 -0.60 -12.62
CA GLY B 164 2.78 0.24 -11.92
C GLY B 164 4.19 0.14 -12.39
N ILE B 165 5.11 0.47 -11.50
CA ILE B 165 6.54 0.31 -11.83
C ILE B 165 7.23 -0.52 -10.75
N ASP B 166 8.34 -1.16 -11.10
CA ASP B 166 9.14 -1.81 -10.08
C ASP B 166 9.97 -0.70 -9.37
N LEU B 167 10.17 -0.82 -8.05
CA LEU B 167 11.02 0.03 -7.34
C LEU B 167 12.48 -0.38 -7.50
N TYR B 168 12.75 -1.70 -7.57
CA TYR B 168 14.10 -2.18 -7.77
C TYR B 168 14.93 -1.31 -8.75
N GLU B 169 16.06 -0.79 -8.30
CA GLU B 169 17.06 -0.03 -9.08
C GLU B 169 16.58 1.34 -9.48
N LYS B 170 15.37 1.70 -9.16
CA LYS B 170 14.97 3.13 -9.29
C LYS B 170 15.66 4.00 -8.23
N THR B 171 15.53 5.31 -8.38
CA THR B 171 16.10 6.22 -7.44
C THR B 171 15.03 6.83 -6.55
N ALA B 172 15.21 6.69 -5.24
CA ALA B 172 14.44 7.39 -4.23
C ALA B 172 15.18 8.62 -3.69
N GLY B 173 14.48 9.75 -3.70
CA GLY B 173 14.93 11.01 -3.18
C GLY B 173 14.23 11.33 -1.87
N ILE B 174 14.99 11.29 -0.79
CA ILE B 174 14.47 11.49 0.56
C ILE B 174 14.87 12.85 1.10
N ILE B 175 13.86 13.70 1.30
CA ILE B 175 14.09 15.04 1.79
C ILE B 175 13.93 15.06 3.31
N GLY B 176 15.04 15.13 4.01
CA GLY B 176 15.06 15.01 5.47
C GLY B 176 15.63 13.69 5.95
N THR B 177 16.79 13.74 6.63
CA THR B 177 17.43 12.55 7.18
C THR B 177 17.50 12.55 8.71
N GLY B 178 16.42 12.99 9.31
CA GLY B 178 16.17 12.57 10.67
C GLY B 178 15.83 11.08 10.77
N LYS B 179 15.41 10.73 11.93
CA LYS B 179 15.21 9.34 12.27
C LYS B 179 14.09 8.69 11.34
N ILE B 180 13.04 9.42 11.00
CA ILE B 180 11.98 8.84 10.16
C ILE B 180 12.60 8.59 8.73
N GLY B 181 13.37 9.55 8.24
CA GLY B 181 13.99 9.42 6.97
C GLY B 181 15.00 8.29 6.92
N GLN B 182 15.76 8.13 7.99
CA GLN B 182 16.73 7.03 8.06
C GLN B 182 16.04 5.67 8.01
N ILE B 183 15.00 5.49 8.78
CA ILE B 183 14.23 4.21 8.72
C ILE B 183 13.69 3.94 7.33
N LEU B 184 13.21 4.97 6.68
CA LEU B 184 12.68 4.87 5.34
C LEU B 184 13.73 4.49 4.35
N ILE B 185 14.90 5.15 4.47
CA ILE B 185 15.96 4.86 3.63
C ILE B 185 16.43 3.42 3.84
N LYS B 186 16.54 2.97 5.06
CA LYS B 186 16.99 1.58 5.21
C LYS B 186 15.97 0.58 4.58
N ILE B 187 14.67 0.89 4.64
CA ILE B 187 13.70 0.04 4.01
C ILE B 187 13.84 0.07 2.48
N LEU B 188 13.92 1.25 1.93
CA LEU B 188 14.06 1.35 0.48
C LEU B 188 15.41 0.75 -0.07
N ARG B 189 16.44 0.74 0.76
CA ARG B 189 17.67 0.11 0.37
C ARG B 189 17.48 -1.43 0.30
N GLY B 190 16.61 -1.95 1.18
CA GLY B 190 16.09 -3.31 1.09
C GLY B 190 15.39 -3.75 -0.19
N PHE B 191 14.67 -2.85 -0.85
CA PHE B 191 14.16 -2.99 -2.16
C PHE B 191 15.24 -2.90 -3.24
N ASP B 192 16.50 -2.57 -2.88
CA ASP B 192 17.63 -2.28 -3.80
C ASP B 192 17.26 -1.12 -4.66
N MET B 193 16.64 -0.11 -4.05
CA MET B 193 16.54 1.19 -4.69
C MET B 193 17.88 1.90 -4.47
N LYS B 194 18.24 2.73 -5.38
CA LYS B 194 19.30 3.67 -5.18
C LYS B 194 18.71 4.84 -4.41
N VAL B 195 19.41 5.30 -3.37
CA VAL B 195 18.85 6.36 -2.51
C VAL B 195 19.74 7.60 -2.48
N ILE B 196 19.16 8.77 -2.80
CA ILE B 196 19.83 10.04 -2.55
C ILE B 196 19.00 10.80 -1.58
N ALA B 197 19.60 11.76 -0.89
CA ALA B 197 18.89 12.49 0.18
C ALA B 197 19.40 13.91 0.35
N TYR B 198 18.51 14.73 0.86
CA TYR B 198 18.87 16.13 1.19
C TYR B 198 18.57 16.39 2.65
N ASP B 199 19.52 17.00 3.33
CA ASP B 199 19.27 17.54 4.67
C ASP B 199 20.32 18.68 4.94
N LEU B 200 19.97 19.66 5.71
CA LEU B 200 20.94 20.72 6.02
C LEU B 200 21.96 20.26 7.06
N PHE B 201 21.69 19.13 7.76
CA PHE B 201 22.59 18.60 8.76
C PHE B 201 22.93 17.16 8.42
N PRO B 202 23.69 16.94 7.37
CA PRO B 202 23.88 15.61 6.89
C PRO B 202 24.75 14.81 7.83
N ASN B 203 24.49 13.52 7.92
CA ASN B 203 25.28 12.66 8.73
C ASN B 203 25.93 11.63 7.86
N GLN B 204 27.20 11.83 7.58
CA GLN B 204 27.87 11.02 6.61
C GLN B 204 28.12 9.63 7.10
N LYS B 205 28.16 9.45 8.39
CA LYS B 205 28.32 8.15 8.98
C LYS B 205 27.11 7.28 8.71
N VAL B 206 25.94 7.85 8.84
CA VAL B 206 24.72 7.13 8.53
C VAL B 206 24.61 6.89 7.04
N ALA B 207 25.01 7.85 6.25
CA ALA B 207 25.05 7.65 4.79
C ALA B 207 25.95 6.47 4.41
N ASP B 208 27.12 6.37 5.03
CA ASP B 208 28.01 5.22 4.80
C ASP B 208 27.33 3.97 5.32
N GLU B 209 26.75 3.97 6.48
CA GLU B 209 26.11 2.77 7.00
C GLU B 209 24.95 2.34 6.17
N LEU B 210 24.05 3.25 5.79
CA LEU B 210 22.79 2.78 5.08
C LEU B 210 23.00 2.67 3.58
N GLY B 211 24.08 3.27 3.07
CA GLY B 211 24.35 3.19 1.62
C GLY B 211 23.58 4.21 0.78
N PHE B 212 23.51 5.45 1.23
CA PHE B 212 22.93 6.51 0.37
C PHE B 212 23.92 7.66 0.20
N GLU B 213 23.56 8.59 -0.66
CA GLU B 213 24.37 9.70 -0.99
C GLU B 213 23.61 11.01 -0.75
N TYR B 214 24.26 11.96 -0.07
CA TYR B 214 23.70 13.28 0.10
C TYR B 214 23.85 14.09 -1.13
N VAL B 215 22.83 14.86 -1.53
CA VAL B 215 22.85 15.64 -2.76
C VAL B 215 22.14 16.94 -2.55
N SER B 216 22.23 17.85 -3.52
CA SER B 216 21.46 19.09 -3.48
C SER B 216 20.03 18.80 -3.82
N LEU B 217 19.15 19.74 -3.50
CA LEU B 217 17.74 19.66 -3.95
C LEU B 217 17.59 19.57 -5.47
N ASP B 218 18.35 20.38 -6.20
CA ASP B 218 18.33 20.30 -7.64
C ASP B 218 18.68 18.88 -8.18
N GLU B 219 19.72 18.25 -7.61
CA GLU B 219 20.10 16.88 -7.97
C GLU B 219 18.99 15.89 -7.62
N LEU B 220 18.39 16.05 -6.45
CA LEU B 220 17.35 15.19 -5.99
C LEU B 220 16.15 15.28 -6.93
N TYR B 221 15.64 16.49 -7.25
CA TYR B 221 14.60 16.65 -8.22
C TYR B 221 14.86 16.06 -9.59
N ALA B 222 16.09 16.24 -10.09
CA ALA B 222 16.45 15.77 -11.44
C ALA B 222 16.48 14.26 -11.51
N ASN B 223 16.92 13.60 -10.46
CA ASN B 223 17.26 12.18 -10.58
C ASN B 223 16.25 11.18 -9.92
N SER B 224 15.21 11.66 -9.23
CA SER B 224 14.45 10.80 -8.38
C SER B 224 13.25 10.35 -9.09
N ASP B 225 13.02 9.06 -9.00
CA ASP B 225 11.73 8.42 -9.49
C ASP B 225 10.65 8.43 -8.42
N ILE B 226 11.06 8.42 -7.17
CA ILE B 226 10.22 8.58 -6.00
C ILE B 226 10.80 9.69 -5.11
N ILE B 227 9.93 10.53 -4.58
CA ILE B 227 10.37 11.61 -3.66
C ILE B 227 9.49 11.58 -2.42
N SER B 228 10.11 11.51 -1.26
CA SER B 228 9.41 11.57 0.01
C SER B 228 9.87 12.74 0.84
N LEU B 229 8.89 13.44 1.42
CA LEU B 229 9.15 14.64 2.25
C LEU B 229 9.10 14.21 3.72
N ASN B 230 10.20 14.38 4.41
CA ASN B 230 10.33 13.96 5.83
C ASN B 230 11.15 14.97 6.64
N CYS B 231 10.90 16.24 6.38
CA CYS B 231 11.67 17.34 6.91
C CYS B 231 10.74 18.34 7.65
N PRO B 232 11.32 19.20 8.53
CA PRO B 232 10.51 20.14 9.25
C PRO B 232 10.09 21.31 8.37
N LEU B 233 9.07 21.96 8.82
CA LEU B 233 8.46 23.09 8.16
C LEU B 233 9.13 24.33 8.65
N THR B 234 9.91 25.00 7.84
CA THR B 234 10.52 26.31 8.20
C THR B 234 10.12 27.31 7.11
N LYS B 235 10.62 28.56 7.18
CA LYS B 235 10.29 29.54 6.13
C LYS B 235 10.86 29.07 4.81
N ASP B 236 11.95 28.35 4.85
CA ASP B 236 12.55 27.88 3.66
C ASP B 236 12.02 26.60 3.05
N THR B 237 11.37 25.74 3.84
CA THR B 237 10.78 24.52 3.31
C THR B 237 9.31 24.73 2.98
N LYS B 238 8.74 25.82 3.47
CA LYS B 238 7.40 26.14 3.17
C LYS B 238 7.22 26.20 1.65
N TYR B 239 6.24 25.50 1.14
CA TYR B 239 6.10 25.44 -0.31
C TYR B 239 7.39 25.19 -1.09
N MET B 240 8.29 24.38 -0.55
CA MET B 240 9.41 23.99 -1.32
C MET B 240 9.05 23.16 -2.53
N ILE B 241 7.96 22.43 -2.45
CA ILE B 241 7.49 21.71 -3.60
C ILE B 241 6.43 22.66 -4.21
N ASN B 242 6.72 23.20 -5.39
CA ASN B 242 5.91 24.14 -6.04
C ASN B 242 6.13 24.09 -7.51
N ARG B 243 5.50 25.00 -8.23
CA ARG B 243 5.52 24.93 -9.68
C ARG B 243 6.97 24.89 -10.22
N ARG B 244 7.86 25.72 -9.70
CA ARG B 244 9.25 25.68 -10.13
C ARG B 244 9.96 24.41 -9.79
N SER B 245 9.82 23.92 -8.58
CA SER B 245 10.61 22.72 -8.24
C SER B 245 10.05 21.53 -8.93
N MET B 246 8.71 21.45 -9.09
CA MET B 246 8.13 20.27 -9.75
C MET B 246 8.47 20.25 -11.28
N LEU B 247 8.61 21.41 -11.88
CA LEU B 247 9.20 21.52 -13.19
C LEU B 247 10.54 20.80 -13.30
N LYS B 248 11.31 20.69 -12.24
CA LYS B 248 12.64 20.09 -12.32
C LYS B 248 12.60 18.60 -12.13
N MET B 249 11.46 18.10 -11.72
CA MET B 249 11.30 16.67 -11.45
C MET B 249 11.12 15.88 -12.76
N LYS B 250 11.28 14.58 -12.69
CA LYS B 250 11.02 13.69 -13.80
C LYS B 250 9.50 13.47 -13.98
N ASP B 251 9.06 13.40 -15.22
CA ASP B 251 7.68 13.14 -15.56
C ASP B 251 7.32 11.83 -15.00
N GLY B 252 6.17 11.71 -14.36
CA GLY B 252 5.78 10.39 -13.84
C GLY B 252 6.35 10.17 -12.42
N VAL B 253 7.08 11.14 -11.86
CA VAL B 253 7.53 11.02 -10.46
C VAL B 253 6.34 10.67 -9.49
N ILE B 254 6.63 9.78 -8.56
CA ILE B 254 5.80 9.56 -7.40
C ILE B 254 6.26 10.39 -6.17
N LEU B 255 5.37 11.19 -5.64
CA LEU B 255 5.57 12.03 -4.49
C LEU B 255 4.72 11.57 -3.31
N VAL B 256 5.35 11.54 -2.15
CA VAL B 256 4.68 11.25 -0.91
C VAL B 256 5.02 12.24 0.18
N ASN B 257 4.03 12.63 0.96
CA ASN B 257 4.22 13.54 2.02
C ASN B 257 3.50 13.09 3.27
N THR B 258 4.29 12.63 4.23
CA THR B 258 3.86 12.39 5.56
C THR B 258 4.52 13.35 6.56
N GLY B 259 5.15 14.43 6.08
CA GLY B 259 5.75 15.44 6.97
C GLY B 259 4.79 16.55 7.41
N ARG B 260 4.67 17.62 6.62
CA ARG B 260 3.78 18.70 6.91
C ARG B 260 3.17 19.24 5.60
N GLY B 261 1.95 19.59 5.72
CA GLY B 261 1.09 20.08 4.62
C GLY B 261 1.71 21.22 3.88
N MET B 262 2.23 22.16 4.61
CA MET B 262 2.77 23.39 4.02
C MET B 262 4.03 23.22 3.24
N LEU B 263 4.63 22.03 3.24
CA LEU B 263 5.78 21.80 2.42
C LEU B 263 5.39 21.81 0.94
N ILE B 264 4.09 21.65 0.62
CA ILE B 264 3.67 21.55 -0.76
C ILE B 264 2.72 22.73 -1.08
N ASP B 265 2.97 23.42 -2.16
CA ASP B 265 2.02 24.43 -2.63
C ASP B 265 0.91 23.63 -3.33
N SER B 266 -0.18 23.43 -2.64
CA SER B 266 -1.21 22.49 -3.11
C SER B 266 -1.83 22.93 -4.44
N ALA B 267 -2.03 24.25 -4.66
CA ALA B 267 -2.57 24.71 -5.92
C ALA B 267 -1.62 24.36 -7.09
N ASP B 268 -0.31 24.56 -6.92
CA ASP B 268 0.63 24.15 -7.92
C ASP B 268 0.62 22.64 -8.12
N LEU B 269 0.41 21.90 -7.07
CA LEU B 269 0.39 20.41 -7.17
C LEU B 269 -0.78 20.01 -8.08
N VAL B 270 -1.90 20.71 -7.98
CA VAL B 270 -3.06 20.41 -8.86
C VAL B 270 -2.67 20.62 -10.35
N GLU B 271 -1.94 21.68 -10.64
CA GLU B 271 -1.55 21.94 -12.01
C GLU B 271 -0.54 20.92 -12.50
N ALA B 272 0.42 20.54 -11.67
CA ALA B 272 1.42 19.56 -12.04
C ALA B 272 0.82 18.17 -12.26
N LEU B 273 -0.25 17.87 -11.56
CA LEU B 273 -1.03 16.63 -11.85
C LEU B 273 -1.70 16.65 -13.24
N LYS B 274 -2.39 17.79 -13.52
CA LYS B 274 -3.00 18.03 -14.80
C LYS B 274 -2.04 18.01 -15.93
N ASP B 275 -0.85 18.61 -15.76
CA ASP B 275 0.19 18.59 -16.76
C ASP B 275 0.84 17.24 -16.86
N LYS B 276 0.56 16.36 -15.95
CA LYS B 276 1.17 15.05 -15.94
C LYS B 276 2.66 15.00 -15.61
N LYS B 277 3.15 16.01 -14.93
CA LYS B 277 4.47 15.96 -14.37
C LYS B 277 4.50 14.94 -13.22
N ILE B 278 3.52 15.05 -12.32
CA ILE B 278 3.44 14.15 -11.20
C ILE B 278 2.71 12.94 -11.66
N GLY B 279 3.33 11.78 -11.49
CA GLY B 279 2.67 10.50 -11.81
C GLY B 279 1.63 10.07 -10.83
N ALA B 280 1.97 10.21 -9.55
CA ALA B 280 1.01 9.87 -8.48
C ALA B 280 1.51 10.57 -7.20
N VAL B 281 0.57 10.86 -6.32
CA VAL B 281 0.85 11.51 -5.06
C VAL B 281 -0.02 10.98 -3.94
N ALA B 282 0.65 10.71 -2.82
CA ALA B 282 0.09 10.33 -1.55
C ALA B 282 0.37 11.34 -0.49
N LEU B 283 -0.70 11.89 0.05
CA LEU B 283 -0.70 12.95 1.08
C LEU B 283 -1.36 12.48 2.34
N ASP B 284 -0.57 12.33 3.41
CA ASP B 284 -1.01 12.09 4.75
C ASP B 284 -1.18 13.39 5.54
N VAL B 285 -0.71 14.50 4.97
CA VAL B 285 -0.80 15.82 5.53
C VAL B 285 -1.27 16.79 4.43
N TYR B 286 -1.85 17.92 4.82
CA TYR B 286 -2.44 18.88 3.86
C TYR B 286 -2.37 20.28 4.47
N GLU B 287 -2.01 21.25 3.64
CA GLU B 287 -1.73 22.61 4.13
C GLU B 287 -2.87 23.25 4.87
N GLU B 288 -4.06 22.79 4.65
CA GLU B 288 -5.13 23.23 5.46
C GLU B 288 -5.92 22.14 6.14
N GLU B 289 -5.21 21.16 6.66
CA GLU B 289 -5.81 20.01 7.23
C GLU B 289 -6.55 20.30 8.51
N GLU B 290 -6.21 21.41 9.14
CA GLU B 290 -6.83 21.77 10.39
C GLU B 290 -8.34 21.99 10.30
N ASN B 291 -8.85 22.28 9.12
CA ASN B 291 -10.30 22.37 8.94
C ASN B 291 -10.99 21.05 8.62
N TYR B 292 -10.24 19.96 8.44
CA TYR B 292 -10.85 18.74 7.87
C TYR B 292 -10.49 17.43 8.57
N PHE B 293 -9.22 17.34 8.91
CA PHE B 293 -8.68 16.03 9.35
C PHE B 293 -9.28 15.52 10.66
N PHE B 294 -9.27 14.19 10.82
CA PHE B 294 -9.81 13.51 11.96
C PHE B 294 -11.32 13.56 12.08
N GLU B 295 -11.98 14.33 11.24
CA GLU B 295 -13.48 14.40 11.26
C GLU B 295 -14.18 13.87 10.06
N ASP B 296 -15.37 13.37 10.30
CA ASP B 296 -16.20 12.90 9.22
C ASP B 296 -16.96 14.10 8.59
N LYS B 297 -16.51 14.58 7.43
CA LYS B 297 -17.22 15.69 6.72
C LYS B 297 -17.98 15.12 5.52
N SER B 298 -18.36 13.84 5.61
CA SER B 298 -18.97 13.21 4.49
C SER B 298 -20.38 13.64 4.28
N THR B 299 -20.93 14.45 5.17
CA THR B 299 -22.29 14.95 4.93
C THR B 299 -22.36 16.46 4.94
N GLN B 300 -21.26 17.11 4.59
CA GLN B 300 -21.28 18.46 4.41
C GLN B 300 -20.31 18.85 3.29
N VAL B 301 -20.50 20.06 2.81
CA VAL B 301 -19.70 20.61 1.80
C VAL B 301 -18.27 20.79 2.23
N ILE B 302 -17.36 20.51 1.34
CA ILE B 302 -15.97 20.85 1.55
C ILE B 302 -15.72 22.15 0.86
N GLU B 303 -15.39 23.16 1.64
CA GLU B 303 -15.37 24.55 1.15
C GLU B 303 -14.08 24.82 0.44
N ASP B 304 -13.02 24.07 0.77
CA ASP B 304 -11.69 24.22 0.20
C ASP B 304 -11.62 23.63 -1.23
N ASP B 305 -11.48 24.52 -2.20
CA ASP B 305 -11.55 24.14 -3.61
C ASP B 305 -10.43 23.21 -4.01
N ILE B 306 -9.27 23.47 -3.46
CA ILE B 306 -8.12 22.76 -3.82
C ILE B 306 -8.23 21.31 -3.27
N LEU B 307 -8.64 21.17 -2.03
CA LEU B 307 -8.82 19.86 -1.43
C LEU B 307 -9.90 19.08 -2.17
N GLY B 308 -10.98 19.73 -2.53
CA GLY B 308 -12.13 19.07 -3.25
C GLY B 308 -11.61 18.61 -4.64
N ARG B 309 -10.69 19.39 -5.22
CA ARG B 309 -10.15 19.05 -6.56
C ARG B 309 -9.16 17.89 -6.41
N LEU B 310 -8.30 17.93 -5.41
CA LEU B 310 -7.31 16.83 -5.22
C LEU B 310 -8.03 15.48 -5.02
N LEU B 311 -9.08 15.48 -4.27
CA LEU B 311 -9.88 14.29 -4.08
C LEU B 311 -10.54 13.72 -5.28
N SER B 312 -10.54 14.36 -6.41
CA SER B 312 -11.12 13.73 -7.58
C SER B 312 -10.05 13.22 -8.58
N PHE B 313 -8.73 13.44 -8.38
CA PHE B 313 -7.75 12.85 -9.21
C PHE B 313 -7.59 11.30 -8.93
N TYR B 314 -7.44 10.53 -10.00
CA TYR B 314 -7.31 9.09 -9.91
C TYR B 314 -6.05 8.68 -9.20
N ASN B 315 -5.02 9.54 -9.31
CA ASN B 315 -3.71 9.30 -8.78
C ASN B 315 -3.31 10.15 -7.56
N VAL B 316 -4.29 10.57 -6.82
CA VAL B 316 -4.14 11.20 -5.51
C VAL B 316 -4.73 10.29 -4.48
N LEU B 317 -3.95 10.05 -3.45
CA LEU B 317 -4.43 9.32 -2.24
C LEU B 317 -4.18 10.25 -1.06
N ILE B 318 -5.23 10.54 -0.38
CA ILE B 318 -5.16 11.34 0.83
C ILE B 318 -5.57 10.50 1.97
N THR B 319 -4.81 10.62 3.04
CA THR B 319 -5.25 9.99 4.29
C THR B 319 -5.09 11.00 5.38
N SER B 320 -5.84 10.80 6.50
CA SER B 320 -5.97 11.84 7.52
C SER B 320 -4.94 11.80 8.66
N HIS B 321 -3.69 12.04 8.28
CA HIS B 321 -2.60 12.18 9.22
C HIS B 321 -2.48 11.02 10.13
N GLN B 322 -2.43 9.86 9.51
CA GLN B 322 -2.53 8.61 10.19
C GLN B 322 -1.29 7.74 10.10
N ALA B 323 -0.19 8.37 9.67
CA ALA B 323 1.03 7.66 9.52
C ALA B 323 1.52 7.16 10.86
N TYR B 324 1.31 7.92 11.91
CA TYR B 324 1.61 7.54 13.27
C TYR B 324 0.82 6.34 13.84
N PHE B 325 -0.40 6.11 13.34
CA PHE B 325 -1.46 5.34 13.96
C PHE B 325 -1.22 3.83 14.05
N THR B 326 -0.24 3.42 14.84
CA THR B 326 -0.08 2.01 15.22
C THR B 326 -0.26 1.79 16.73
N LYS B 327 -0.50 0.55 17.12
CA LYS B 327 -0.62 0.14 18.51
C LYS B 327 0.58 0.54 19.33
N GLU B 328 1.74 0.39 18.76
CA GLU B 328 2.95 0.76 19.50
C GLU B 328 3.10 2.27 19.66
N ALA B 329 2.81 3.02 18.61
CA ALA B 329 2.86 4.47 18.69
C ALA B 329 1.91 4.99 19.73
N VAL B 330 0.69 4.44 19.73
CA VAL B 330 -0.30 4.93 20.59
C VAL B 330 -0.01 4.61 22.02
N GLY B 331 0.50 3.38 22.30
CA GLY B 331 0.98 3.11 23.63
C GLY B 331 2.04 4.07 24.08
N ALA B 332 3.01 4.39 23.26
CA ALA B 332 4.04 5.37 23.72
C ALA B 332 3.46 6.80 23.93
N ILE B 333 2.57 7.25 23.05
CA ILE B 333 1.97 8.56 23.23
C ILE B 333 1.13 8.61 24.49
N THR B 334 0.41 7.52 24.79
CA THR B 334 -0.42 7.43 25.92
C THR B 334 0.42 7.55 27.18
N VAL B 335 1.53 6.79 27.24
CA VAL B 335 2.47 6.84 28.32
C VAL B 335 3.04 8.23 28.49
N THR B 336 3.44 8.85 27.43
CA THR B 336 4.04 10.21 27.56
C THR B 336 2.94 11.13 28.14
N THR B 337 1.69 10.91 27.73
CA THR B 337 0.60 11.80 28.15
C THR B 337 0.40 11.67 29.66
N LEU B 338 0.35 10.43 30.10
CA LEU B 338 0.11 10.10 31.47
C LEU B 338 1.31 10.55 32.30
N ASN B 339 2.53 10.43 31.81
CA ASN B 339 3.70 10.95 32.55
C ASN B 339 3.62 12.44 32.80
N ASN B 340 3.15 13.19 31.82
CA ASN B 340 2.91 14.61 32.01
C ASN B 340 1.86 14.89 33.08
N ILE B 341 0.75 14.11 33.06
CA ILE B 341 -0.23 14.25 34.06
C ILE B 341 0.27 13.91 35.45
N LYS B 342 1.02 12.78 35.59
CA LYS B 342 1.61 12.39 36.83
C LYS B 342 2.63 13.42 37.34
N ASP B 343 3.43 13.91 36.47
CA ASP B 343 4.40 14.93 36.85
C ASP B 343 3.65 16.13 37.36
N PHE B 344 2.49 16.43 36.75
CA PHE B 344 1.75 17.62 37.21
C PHE B 344 1.24 17.47 38.66
N VAL B 345 0.65 16.33 38.91
CA VAL B 345 0.07 15.99 40.16
C VAL B 345 1.13 15.83 41.24
N GLU B 346 2.31 15.39 40.88
CA GLU B 346 3.44 15.35 41.82
C GLU B 346 4.30 16.58 41.84
N GLY B 347 3.91 17.63 41.16
CA GLY B 347 4.68 18.86 41.27
C GLY B 347 6.08 18.76 40.76
N ARG B 348 6.22 18.09 39.61
CA ARG B 348 7.42 18.15 38.80
C ARG B 348 7.23 18.86 37.47
N PRO B 349 8.33 19.14 36.79
CA PRO B 349 8.20 19.79 35.50
C PRO B 349 7.41 18.90 34.55
N LEU B 350 6.56 19.53 33.78
CA LEU B 350 5.79 18.86 32.74
C LEU B 350 6.67 18.96 31.48
N VAL B 351 7.30 17.83 31.15
CA VAL B 351 8.20 17.83 30.01
C VAL B 351 7.54 18.39 28.75
N ASN B 352 6.25 18.13 28.52
CA ASN B 352 5.65 18.56 27.29
C ASN B 352 4.80 19.83 27.46
N GLU B 353 5.05 20.59 28.50
CA GLU B 353 4.36 21.82 28.68
C GLU B 353 4.68 22.82 27.60
N VAL B 354 3.65 23.55 27.15
CA VAL B 354 3.78 24.62 26.20
C VAL B 354 3.88 25.90 27.02
N PRO B 355 5.00 26.61 26.88
CA PRO B 355 5.22 27.72 27.79
C PRO B 355 4.40 28.92 27.35
N GLN B 356 3.96 29.69 28.32
CA GLN B 356 3.19 30.91 28.10
C GLN B 356 4.07 32.15 28.49
N ASN B 357 3.62 33.33 28.11
CA ASN B 357 4.13 34.61 28.59
C ASN B 357 3.93 35.55 27.46
#